data_5F2R
#
_entry.id   5F2R
#
_cell.length_a   54.958
_cell.length_b   74.549
_cell.length_c   88.414
_cell.angle_alpha   90.000
_cell.angle_beta   98.150
_cell.angle_gamma   90.000
#
_symmetry.space_group_name_H-M   'P 1 21 1'
#
loop_
_entity.id
_entity.type
_entity.pdbx_description
1 polymer '78 kDa glucose-regulated protein'
2 non-polymer 'PHOSPHOMETHYLPHOSPHONIC ACID ADENYLATE ESTER'
3 non-polymer 'MAGNESIUM ION'
4 water water
#
_entity_poly.entity_id   1
_entity_poly.type   'polypeptide(L)'
_entity_poly.pdbx_seq_one_letter_code
;MHHHHHHSSGRENLYFQGDVGTVVGIDLGTTYSCVGVFKNGRVEIIANDQGNRITPSYVAFTPEGERLIGDAAKNQLTSN
PENTVFDAKRLIGRTWNDPSVQQDIKFLPFKVVEKKTKPYIQVDIGGGQTKTFAPEEISAMVLTKMKETAEAYLGKKVTH
AVVTVPAYFNDAQRQATKDAGTIAGLNVMRIINEPTAAAIAYGLDKREGEKNILVFDLGGGTFDVSLLTIDNGVFEVVAT
NGDTHLGGEDFDQRVMEHFIKLYKKKTGKDVRKDNRAVQKLRREVEKAKRALSSQHQARIEIESFYEGEDFSETLTRAKF
EELNMDLFRSTMKPVQKVLEDSDLKKSDIDEIVLVGGSTRIPKIQQLVKEFFNGKEPSRGINPDEAVAYGAAVQAGVLSG
;
_entity_poly.pdbx_strand_id   A,B
#
# COMPACT_ATOMS: atom_id res chain seq x y z
N VAL A 20 -22.91 -11.58 -2.43
CA VAL A 20 -22.34 -10.72 -1.29
C VAL A 20 -22.39 -9.22 -1.57
N GLY A 21 -22.38 -8.83 -2.85
CA GLY A 21 -22.37 -7.40 -3.22
C GLY A 21 -21.11 -6.74 -2.71
N THR A 22 -21.22 -5.47 -2.33
CA THR A 22 -20.07 -4.74 -1.79
C THR A 22 -20.02 -4.97 -0.27
N VAL A 23 -19.02 -5.70 0.17
CA VAL A 23 -18.86 -6.01 1.57
C VAL A 23 -18.26 -4.76 2.24
N VAL A 24 -18.70 -4.46 3.46
CA VAL A 24 -18.19 -3.30 4.19
C VAL A 24 -17.23 -3.75 5.28
N GLY A 25 -16.29 -2.89 5.64
CA GLY A 25 -15.43 -3.13 6.82
C GLY A 25 -15.87 -2.20 7.92
N ILE A 26 -16.32 -2.74 9.05
CA ILE A 26 -16.79 -1.92 10.14
C ILE A 26 -15.93 -2.09 11.37
N ASP A 27 -15.45 -1.00 11.91
CA ASP A 27 -14.90 -0.98 13.21
C ASP A 27 -16.05 -0.67 14.14
N LEU A 28 -16.44 -1.64 14.97
CA LEU A 28 -17.50 -1.43 15.95
C LEU A 28 -16.82 -1.07 17.27
N GLY A 29 -16.67 0.23 17.51
CA GLY A 29 -15.88 0.74 18.61
C GLY A 29 -16.67 0.96 19.88
N THR A 30 -15.95 0.93 20.99
CA THR A 30 -16.53 1.17 22.29
C THR A 30 -17.12 2.55 22.35
N THR A 31 -16.42 3.51 21.76
CA THR A 31 -16.74 4.93 21.80
C THR A 31 -17.10 5.46 20.41
N TYR A 32 -16.30 5.13 19.37
CA TYR A 32 -16.56 5.58 17.96
C TYR A 32 -16.37 4.46 16.97
N SER A 33 -17.32 4.35 16.05
CA SER A 33 -17.29 3.36 15.03
C SER A 33 -16.88 4.03 13.71
N CYS A 34 -16.44 3.22 12.77
CA CYS A 34 -15.91 3.69 11.51
C CYS A 34 -16.23 2.64 10.44
N VAL A 35 -16.59 3.09 9.23
CA VAL A 35 -16.93 2.15 8.17
C VAL A 35 -16.17 2.48 6.91
N GLY A 36 -15.67 1.43 6.25
CA GLY A 36 -14.95 1.58 5.00
C GLY A 36 -15.35 0.58 3.93
N VAL A 37 -15.08 0.92 2.67
CA VAL A 37 -15.29 0.00 1.57
C VAL A 37 -14.11 0.05 0.63
N PHE A 38 -13.95 -0.96 -0.20
CA PHE A 38 -12.91 -0.95 -1.20
C PHE A 38 -13.58 -0.64 -2.49
N LYS A 39 -13.13 0.41 -3.15
CA LYS A 39 -13.80 0.84 -4.36
C LYS A 39 -12.79 1.52 -5.27
N ASN A 40 -12.84 1.15 -6.56
CA ASN A 40 -11.93 1.69 -7.56
C ASN A 40 -10.47 1.59 -7.14
N GLY A 41 -10.07 0.41 -6.65
CA GLY A 41 -8.66 0.14 -6.34
C GLY A 41 -8.12 0.68 -5.01
N ARG A 42 -8.99 1.22 -4.16
CA ARG A 42 -8.53 1.67 -2.85
C ARG A 42 -9.60 1.62 -1.80
N VAL A 43 -9.17 1.70 -0.55
CA VAL A 43 -10.08 1.81 0.59
C VAL A 43 -10.64 3.23 0.64
N GLU A 44 -11.96 3.35 0.78
CA GLU A 44 -12.61 4.62 1.07
C GLU A 44 -13.23 4.51 2.45
N ILE A 45 -12.83 5.38 3.35
CA ILE A 45 -13.50 5.56 4.64
C ILE A 45 -14.69 6.48 4.42
N ILE A 46 -15.84 6.09 4.93
CA ILE A 46 -17.07 6.83 4.61
C ILE A 46 -17.53 7.75 5.71
N ALA A 47 -17.81 8.98 5.35
CA ALA A 47 -18.43 9.92 6.28
C ALA A 47 -19.94 9.70 6.41
N ASN A 48 -20.43 9.92 7.64
CA ASN A 48 -21.84 9.80 7.97
C ASN A 48 -22.61 11.04 7.59
N ASP A 49 -23.92 11.04 7.83
CA ASP A 49 -24.75 12.18 7.37
C ASP A 49 -24.46 13.50 8.13
N GLN A 50 -23.65 13.45 9.19
CA GLN A 50 -23.16 14.68 9.81
C GLN A 50 -21.79 15.08 9.31
N GLY A 51 -21.26 14.35 8.33
CA GLY A 51 -20.00 14.69 7.71
C GLY A 51 -18.79 14.16 8.45
N ASN A 52 -19.00 13.23 9.38
CA ASN A 52 -17.88 12.70 10.16
C ASN A 52 -17.50 11.30 9.72
N ARG A 53 -16.20 11.07 9.63
CA ARG A 53 -15.62 9.79 9.23
C ARG A 53 -15.61 8.77 10.38
N ILE A 54 -15.96 9.23 11.58
CA ILE A 54 -16.28 8.36 12.70
C ILE A 54 -17.59 8.76 13.34
N THR A 55 -18.23 7.77 13.96
CA THR A 55 -19.56 7.88 14.51
C THR A 55 -19.56 7.36 15.94
N PRO A 56 -20.10 8.14 16.91
CA PRO A 56 -20.17 7.64 18.27
C PRO A 56 -21.11 6.46 18.41
N SER A 57 -20.67 5.45 19.21
CA SER A 57 -21.45 4.26 19.43
C SER A 57 -22.44 4.57 20.55
N TYR A 58 -23.41 5.41 20.22
CA TYR A 58 -24.22 6.10 21.19
C TYR A 58 -25.68 6.09 20.75
N VAL A 59 -26.59 5.83 21.68
CA VAL A 59 -28.02 5.78 21.40
C VAL A 59 -28.71 6.74 22.42
N ALA A 60 -29.72 7.46 21.94
CA ALA A 60 -30.60 8.20 22.82
C ALA A 60 -32.00 8.37 22.21
N PHE A 61 -32.84 9.10 22.94
CA PHE A 61 -34.27 9.21 22.61
C PHE A 61 -34.83 10.62 22.74
N THR A 62 -35.68 11.01 21.80
CA THR A 62 -36.36 12.31 21.84
C THR A 62 -37.62 12.16 22.71
N PRO A 63 -38.18 13.30 23.16
CA PRO A 63 -39.46 13.29 23.89
C PRO A 63 -40.63 12.64 23.09
N GLU A 64 -40.57 12.74 21.77
CA GLU A 64 -41.59 12.16 20.91
C GLU A 64 -41.35 10.65 20.76
N GLY A 65 -40.27 10.15 21.37
CA GLY A 65 -39.97 8.72 21.35
C GLY A 65 -39.17 8.28 20.13
N GLU A 66 -38.57 9.21 19.40
CA GLU A 66 -37.72 8.84 18.29
C GLU A 66 -36.32 8.42 18.80
N ARG A 67 -35.76 7.40 18.17
CA ARG A 67 -34.47 6.88 18.51
C ARG A 67 -33.39 7.61 17.72
N LEU A 68 -32.38 8.12 18.44
CA LEU A 68 -31.26 8.81 17.85
C LEU A 68 -30.05 7.92 17.95
N ILE A 69 -29.20 7.95 16.94
CA ILE A 69 -27.99 7.10 16.94
C ILE A 69 -26.83 7.91 16.40
N GLY A 70 -25.67 7.76 17.03
CA GLY A 70 -24.47 8.43 16.57
C GLY A 70 -24.40 9.86 17.05
N ASP A 71 -23.93 10.73 16.18
CA ASP A 71 -23.66 12.11 16.55
C ASP A 71 -24.89 12.81 17.12
N ALA A 72 -26.06 12.53 16.55
CA ALA A 72 -27.30 13.10 17.03
C ALA A 72 -27.63 12.65 18.47
N ALA A 73 -27.30 11.42 18.82
CA ALA A 73 -27.54 10.92 20.15
C ALA A 73 -26.54 11.54 21.15
N LYS A 74 -25.26 11.53 20.80
CA LYS A 74 -24.24 12.05 21.69
C LYS A 74 -24.39 13.55 21.93
N ASN A 75 -24.84 14.27 20.91
CA ASN A 75 -24.95 15.71 21.02
C ASN A 75 -26.30 16.22 21.53
N GLN A 76 -27.28 15.33 21.81
CA GLN A 76 -28.58 15.80 22.27
C GLN A 76 -28.38 16.29 23.68
N LEU A 77 -28.72 17.56 23.91
CA LEU A 77 -28.68 18.10 25.23
C LEU A 77 -29.79 17.45 26.05
N THR A 78 -29.41 16.99 27.23
CA THR A 78 -30.30 16.27 28.10
C THR A 78 -30.01 16.56 29.57
N SER A 79 -31.07 16.50 30.39
CA SER A 79 -30.96 16.42 31.85
C SER A 79 -31.18 14.95 32.34
N ASN A 80 -31.23 14.00 31.40
CA ASN A 80 -31.45 12.57 31.72
C ASN A 80 -30.41 11.64 31.09
N PRO A 81 -29.13 11.72 31.53
CA PRO A 81 -28.11 10.74 31.06
C PRO A 81 -28.54 9.28 31.23
N GLU A 82 -29.43 9.02 32.18
CA GLU A 82 -29.91 7.66 32.38
C GLU A 82 -30.71 7.09 31.19
N ASN A 83 -31.21 7.92 30.27
CA ASN A 83 -31.89 7.37 29.08
C ASN A 83 -31.10 7.46 27.76
N THR A 84 -29.79 7.70 27.88
CA THR A 84 -28.88 7.53 26.76
C THR A 84 -28.13 6.19 26.96
N VAL A 85 -27.71 5.57 25.88
CA VAL A 85 -26.96 4.32 26.00
C VAL A 85 -25.64 4.43 25.26
N PHE A 86 -24.61 3.95 25.91
CA PHE A 86 -23.26 3.99 25.35
C PHE A 86 -22.40 2.96 26.08
N ASP A 87 -21.20 2.68 25.54
CA ASP A 87 -20.30 1.70 26.15
C ASP A 87 -20.91 0.27 26.24
N ALA A 88 -21.88 -0.04 25.38
CA ALA A 88 -22.51 -1.36 25.35
C ALA A 88 -21.49 -2.47 25.01
N LYS A 89 -20.39 -2.10 24.35
CA LYS A 89 -19.31 -3.02 24.04
C LYS A 89 -18.65 -3.60 25.29
N ARG A 90 -18.68 -2.85 26.39
CA ARG A 90 -18.18 -3.38 27.68
C ARG A 90 -19.06 -4.53 28.20
N LEU A 91 -20.32 -4.58 27.77
CA LEU A 91 -21.29 -5.59 28.24
C LEU A 91 -21.58 -6.72 27.24
N ILE A 92 -21.36 -6.47 25.96
CA ILE A 92 -21.75 -7.43 24.93
C ILE A 92 -21.06 -8.82 25.14
N GLY A 93 -21.84 -9.88 24.97
CA GLY A 93 -21.35 -11.25 25.09
C GLY A 93 -20.90 -11.66 26.46
N ARG A 94 -21.33 -10.91 27.48
CA ARG A 94 -21.03 -11.24 28.87
C ARG A 94 -22.31 -11.57 29.61
N THR A 95 -22.16 -12.33 30.69
CA THR A 95 -23.29 -12.59 31.57
C THR A 95 -23.49 -11.46 32.56
N TRP A 96 -24.73 -11.32 33.01
CA TRP A 96 -25.06 -10.36 34.03
C TRP A 96 -24.11 -10.45 35.21
N ASN A 97 -23.84 -11.65 35.68
CA ASN A 97 -23.04 -11.79 36.89
C ASN A 97 -21.52 -11.82 36.66
N ASP A 98 -21.09 -11.56 35.44
CA ASP A 98 -19.66 -11.41 35.18
C ASP A 98 -19.12 -10.30 36.10
N PRO A 99 -18.07 -10.57 36.89
CA PRO A 99 -17.60 -9.47 37.76
C PRO A 99 -17.19 -8.19 37.03
N SER A 100 -16.74 -8.32 35.79
CA SER A 100 -16.42 -7.13 34.94
C SER A 100 -17.70 -6.30 34.69
N VAL A 101 -18.81 -6.97 34.42
CA VAL A 101 -20.10 -6.31 34.27
C VAL A 101 -20.55 -5.64 35.55
N GLN A 102 -20.50 -6.35 36.66
CA GLN A 102 -20.89 -5.80 37.96
C GLN A 102 -20.01 -4.58 38.38
N GLN A 103 -18.73 -4.57 37.98
CA GLN A 103 -17.86 -3.40 38.18
C GLN A 103 -18.26 -2.26 37.19
N ASP A 104 -18.43 -2.56 35.91
CA ASP A 104 -18.78 -1.53 34.91
C ASP A 104 -20.12 -0.84 35.14
N ILE A 105 -21.12 -1.54 35.67
CA ILE A 105 -22.43 -0.91 35.81
C ILE A 105 -22.40 0.22 36.88
N LYS A 106 -21.41 0.17 37.77
CA LYS A 106 -21.20 1.23 38.73
C LYS A 106 -20.94 2.58 38.09
N PHE A 107 -20.30 2.59 36.93
CA PHE A 107 -19.92 3.83 36.28
C PHE A 107 -20.90 4.25 35.15
N LEU A 108 -21.88 3.40 34.83
CA LEU A 108 -22.84 3.72 33.76
C LEU A 108 -24.11 4.34 34.34
N PRO A 109 -24.54 5.49 33.80
CA PRO A 109 -25.69 6.14 34.38
C PRO A 109 -27.03 5.45 34.05
N PHE A 110 -27.07 4.62 33.01
CA PHE A 110 -28.32 3.93 32.65
C PHE A 110 -28.48 2.64 33.45
N LYS A 111 -29.74 2.18 33.53
CA LYS A 111 -30.11 0.96 34.26
C LYS A 111 -29.67 -0.24 33.46
N VAL A 112 -29.01 -1.15 34.16
CA VAL A 112 -28.66 -2.47 33.65
C VAL A 112 -29.33 -3.51 34.56
N VAL A 113 -30.12 -4.41 33.97
CA VAL A 113 -30.89 -5.41 34.70
C VAL A 113 -30.57 -6.85 34.22
N GLU A 114 -30.67 -7.83 35.12
CA GLU A 114 -30.50 -9.22 34.73
C GLU A 114 -31.71 -9.67 33.90
N LYS A 115 -31.46 -10.18 32.70
CA LYS A 115 -32.50 -10.83 31.93
C LYS A 115 -31.90 -11.91 31.02
N LYS A 116 -32.52 -13.09 31.01
CA LYS A 116 -31.98 -14.27 30.29
C LYS A 116 -30.46 -14.45 30.48
N THR A 117 -30.02 -14.28 31.73
CA THR A 117 -28.61 -14.44 32.18
C THR A 117 -27.73 -13.27 31.85
N LYS A 118 -28.28 -12.29 31.14
CA LYS A 118 -27.48 -11.25 30.55
C LYS A 118 -27.78 -9.87 31.14
N PRO A 119 -26.84 -8.91 30.93
CA PRO A 119 -27.08 -7.54 31.36
C PRO A 119 -27.81 -6.80 30.27
N TYR A 120 -29.14 -6.80 30.32
CA TYR A 120 -29.95 -5.94 29.45
C TYR A 120 -29.96 -4.51 29.98
N ILE A 121 -30.13 -3.57 29.06
CA ILE A 121 -30.13 -2.13 29.36
C ILE A 121 -31.60 -1.67 29.33
N GLN A 122 -32.01 -1.00 30.40
CA GLN A 122 -33.37 -0.52 30.54
C GLN A 122 -33.39 1.00 30.48
N VAL A 123 -34.20 1.54 29.60
CA VAL A 123 -34.32 3.00 29.46
C VAL A 123 -35.76 3.43 29.20
N ASP A 124 -36.05 4.69 29.57
CA ASP A 124 -37.30 5.38 29.19
C ASP A 124 -37.05 6.13 27.91
N ILE A 125 -37.95 5.94 26.93
CA ILE A 125 -37.76 6.45 25.59
C ILE A 125 -38.69 7.59 25.17
N GLY A 126 -39.59 8.03 26.03
CA GLY A 126 -40.61 8.98 25.60
C GLY A 126 -41.97 8.51 26.02
N GLY A 127 -42.75 9.44 26.54
CA GLY A 127 -44.14 9.19 26.88
C GLY A 127 -44.28 8.18 28.00
N GLY A 128 -43.21 7.99 28.77
CA GLY A 128 -43.26 7.05 29.90
C GLY A 128 -43.08 5.61 29.49
N GLN A 129 -42.65 5.37 28.25
CA GLN A 129 -42.47 4.00 27.76
C GLN A 129 -41.08 3.51 28.14
N THR A 130 -41.04 2.37 28.80
CA THR A 130 -39.79 1.74 29.13
C THR A 130 -39.46 0.67 28.08
N LYS A 131 -38.18 0.54 27.77
CA LYS A 131 -37.69 -0.54 26.95
C LYS A 131 -36.48 -1.15 27.57
N THR A 132 -36.27 -2.41 27.23
CA THR A 132 -35.20 -3.24 27.73
C THR A 132 -34.51 -3.80 26.48
N PHE A 133 -33.21 -3.65 26.38
CA PHE A 133 -32.42 -4.04 25.17
C PHE A 133 -31.22 -4.86 25.53
N ALA A 134 -30.96 -5.93 24.79
CA ALA A 134 -29.75 -6.72 24.99
C ALA A 134 -28.59 -5.88 24.52
N PRO A 135 -27.38 -6.09 25.11
CA PRO A 135 -26.28 -5.28 24.60
C PRO A 135 -26.11 -5.43 23.09
N GLU A 136 -26.39 -6.60 22.55
CA GLU A 136 -26.22 -6.80 21.10
C GLU A 136 -27.31 -6.09 20.28
N GLU A 137 -28.44 -5.79 20.91
CA GLU A 137 -29.48 -4.96 20.27
C GLU A 137 -29.01 -3.52 20.17
N ILE A 138 -28.29 -3.04 21.18
CA ILE A 138 -27.72 -1.70 21.15
C ILE A 138 -26.65 -1.66 20.09
N SER A 139 -25.75 -2.64 20.13
CA SER A 139 -24.74 -2.72 19.09
C SER A 139 -25.37 -2.83 17.71
N ALA A 140 -26.47 -3.57 17.58
CA ALA A 140 -27.16 -3.66 16.28
C ALA A 140 -27.63 -2.31 15.75
N MET A 141 -28.08 -1.43 16.63
CA MET A 141 -28.41 -0.07 16.25
C MET A 141 -27.20 0.67 15.72
N VAL A 142 -26.07 0.56 16.41
CA VAL A 142 -24.84 1.18 15.91
C VAL A 142 -24.47 0.61 14.54
N LEU A 143 -24.56 -0.69 14.37
CA LEU A 143 -24.25 -1.32 13.08
C LEU A 143 -25.20 -0.90 11.98
N THR A 144 -26.49 -0.73 12.34
CA THR A 144 -27.49 -0.28 11.37
C THR A 144 -27.09 1.08 10.86
N LYS A 145 -26.59 1.91 11.79
CA LYS A 145 -26.20 3.27 11.42
C LYS A 145 -24.97 3.21 10.49
N MET A 146 -23.97 2.40 10.84
CA MET A 146 -22.82 2.23 9.97
C MET A 146 -23.22 1.66 8.60
N LYS A 147 -24.12 0.70 8.62
CA LYS A 147 -24.71 0.15 7.37
C LYS A 147 -25.34 1.23 6.50
N GLU A 148 -26.20 2.07 7.08
CA GLU A 148 -26.83 3.21 6.33
C GLU A 148 -25.82 4.24 5.80
N THR A 149 -24.79 4.54 6.58
CA THR A 149 -23.71 5.41 6.17
C THR A 149 -23.07 4.87 4.88
N ALA A 150 -22.76 3.57 4.88
CA ALA A 150 -22.17 2.93 3.70
C ALA A 150 -23.14 2.89 2.51
N GLU A 151 -24.41 2.56 2.77
CA GLU A 151 -25.41 2.50 1.70
C GLU A 151 -25.64 3.86 1.04
N ALA A 152 -25.71 4.92 1.84
CA ALA A 152 -25.89 6.25 1.27
C ALA A 152 -24.70 6.59 0.36
N TYR A 153 -23.50 6.13 0.74
CA TYR A 153 -22.28 6.37 -0.04
C TYR A 153 -22.27 5.57 -1.33
N LEU A 154 -22.66 4.30 -1.23
CA LEU A 154 -22.63 3.41 -2.36
C LEU A 154 -23.83 3.57 -3.27
N GLY A 155 -24.93 4.10 -2.75
CA GLY A 155 -26.16 4.21 -3.56
C GLY A 155 -26.82 2.87 -3.77
N LYS A 156 -26.63 1.95 -2.82
CA LYS A 156 -27.26 0.63 -2.91
C LYS A 156 -27.28 -0.02 -1.55
N LYS A 157 -27.99 -1.14 -1.42
CA LYS A 157 -28.04 -1.91 -0.16
C LYS A 157 -26.75 -2.67 0.11
N VAL A 158 -26.43 -2.81 1.37
CA VAL A 158 -25.30 -3.59 1.83
C VAL A 158 -25.88 -4.71 2.67
N THR A 159 -25.44 -5.95 2.41
CA THR A 159 -25.89 -7.14 3.15
C THR A 159 -24.81 -7.87 3.93
N HIS A 160 -23.54 -7.67 3.59
CA HIS A 160 -22.45 -8.43 4.20
C HIS A 160 -21.37 -7.50 4.73
N ALA A 161 -20.63 -7.95 5.73
CA ALA A 161 -19.62 -7.11 6.39
C ALA A 161 -18.52 -7.91 7.04
N VAL A 162 -17.38 -7.27 7.20
CA VAL A 162 -16.29 -7.74 8.04
C VAL A 162 -16.34 -6.86 9.26
N VAL A 163 -16.46 -7.44 10.44
CA VAL A 163 -16.52 -6.65 11.66
C VAL A 163 -15.32 -6.95 12.53
N THR A 164 -14.75 -5.93 13.16
CA THR A 164 -13.60 -6.15 14.02
C THR A 164 -14.05 -6.23 15.49
N VAL A 165 -13.23 -6.91 16.30
CA VAL A 165 -13.42 -7.00 17.73
C VAL A 165 -12.07 -6.86 18.40
N PRO A 166 -12.04 -6.52 19.69
CA PRO A 166 -10.74 -6.44 20.38
C PRO A 166 -10.11 -7.82 20.43
N ALA A 167 -8.79 -7.88 20.59
CA ALA A 167 -8.07 -9.14 20.49
C ALA A 167 -8.40 -10.09 21.66
N TYR A 168 -8.69 -9.52 22.84
CA TYR A 168 -9.05 -10.32 24.01
C TYR A 168 -10.50 -10.85 23.95
N PHE A 169 -11.30 -10.46 22.95
CA PHE A 169 -12.65 -11.04 22.88
C PHE A 169 -12.62 -12.54 22.86
N ASN A 170 -13.47 -13.12 23.70
CA ASN A 170 -13.64 -14.53 23.81
C ASN A 170 -14.78 -15.04 22.88
N ASP A 171 -15.13 -16.31 22.97
CA ASP A 171 -16.11 -16.93 22.08
C ASP A 171 -17.52 -16.26 22.14
N ALA A 172 -18.03 -16.02 23.35
CA ALA A 172 -19.38 -15.42 23.52
C ALA A 172 -19.41 -13.96 23.02
N GLN A 173 -18.34 -13.24 23.27
CA GLN A 173 -18.23 -11.86 22.79
C GLN A 173 -18.19 -11.79 21.26
N ARG A 174 -17.39 -12.66 20.65
CA ARG A 174 -17.34 -12.76 19.18
C ARG A 174 -18.72 -13.17 18.61
N GLN A 175 -19.36 -14.17 19.20
CA GLN A 175 -20.67 -14.62 18.70
C GLN A 175 -21.72 -13.53 18.86
N ALA A 176 -21.66 -12.78 19.95
CA ALA A 176 -22.67 -11.76 20.23
C ALA A 176 -22.52 -10.57 19.30
N THR A 177 -21.28 -10.32 18.84
CA THR A 177 -21.01 -9.31 17.86
C THR A 177 -21.61 -9.68 16.50
N LYS A 178 -21.48 -10.95 16.13
CA LYS A 178 -22.11 -11.48 14.92
C LYS A 178 -23.64 -11.37 14.97
N ASP A 179 -24.19 -11.65 16.14
CA ASP A 179 -25.63 -11.57 16.39
C ASP A 179 -26.12 -10.13 16.30
N ALA A 180 -25.33 -9.19 16.83
CA ALA A 180 -25.61 -7.74 16.62
C ALA A 180 -25.75 -7.46 15.12
N GLY A 181 -24.82 -8.02 14.33
CA GLY A 181 -24.88 -7.93 12.89
C GLY A 181 -26.19 -8.46 12.32
N THR A 182 -26.60 -9.64 12.76
CA THR A 182 -27.78 -10.30 12.23
C THR A 182 -28.99 -9.44 12.48
N ILE A 183 -29.12 -8.98 13.71
CA ILE A 183 -30.23 -8.09 14.07
C ILE A 183 -30.24 -6.87 13.17
N ALA A 184 -29.06 -6.36 12.82
CA ALA A 184 -28.95 -5.19 11.93
C ALA A 184 -29.12 -5.51 10.43
N GLY A 185 -29.49 -6.74 10.09
CA GLY A 185 -29.60 -7.17 8.70
C GLY A 185 -28.26 -7.37 7.99
N LEU A 186 -27.18 -7.57 8.74
CA LEU A 186 -25.86 -7.80 8.18
C LEU A 186 -25.38 -9.24 8.43
N ASN A 187 -24.90 -9.89 7.39
CA ASN A 187 -24.25 -11.16 7.54
C ASN A 187 -22.75 -10.87 7.81
N VAL A 188 -22.31 -11.08 9.04
CA VAL A 188 -20.92 -10.83 9.36
C VAL A 188 -20.13 -12.04 8.89
N MET A 189 -19.45 -11.89 7.75
CA MET A 189 -18.70 -12.97 7.11
C MET A 189 -17.43 -13.29 7.84
N ARG A 190 -16.82 -12.28 8.44
CA ARG A 190 -15.60 -12.48 9.21
C ARG A 190 -15.54 -11.57 10.38
N ILE A 191 -15.08 -12.11 11.48
CA ILE A 191 -14.75 -11.33 12.66
C ILE A 191 -13.23 -11.31 12.70
N ILE A 192 -12.60 -10.14 12.71
CA ILE A 192 -11.14 -10.10 12.84
C ILE A 192 -10.71 -9.20 13.97
N ASN A 193 -9.52 -9.43 14.49
CA ASN A 193 -9.05 -8.67 15.64
C ASN A 193 -8.64 -7.27 15.21
N GLU A 194 -8.99 -6.32 16.05
CA GLU A 194 -8.70 -4.95 15.80
C GLU A 194 -7.21 -4.67 15.52
N PRO A 195 -6.31 -5.09 16.41
CA PRO A 195 -4.90 -4.75 16.13
C PRO A 195 -4.38 -5.44 14.84
N THR A 196 -4.96 -6.59 14.52
CA THR A 196 -4.62 -7.29 13.27
C THR A 196 -5.09 -6.51 12.03
N ALA A 197 -6.30 -6.00 12.10
CA ALA A 197 -6.83 -5.15 11.04
C ALA A 197 -5.97 -3.89 10.82
N ALA A 198 -5.56 -3.26 11.92
CA ALA A 198 -4.62 -2.14 11.84
C ALA A 198 -3.36 -2.51 11.08
N ALA A 199 -2.80 -3.65 11.42
CA ALA A 199 -1.56 -4.15 10.77
C ALA A 199 -1.76 -4.48 9.28
N ILE A 200 -2.92 -5.04 8.95
CA ILE A 200 -3.33 -5.26 7.55
C ILE A 200 -3.41 -3.92 6.80
N ALA A 201 -4.03 -2.93 7.42
CA ALA A 201 -4.16 -1.62 6.82
C ALA A 201 -2.80 -1.06 6.43
N TYR A 202 -1.75 -1.36 7.23
CA TYR A 202 -0.40 -0.95 6.88
C TYR A 202 0.34 -1.96 6.03
N GLY A 203 -0.36 -2.98 5.56
CA GLY A 203 0.25 -3.98 4.70
C GLY A 203 1.39 -4.75 5.34
N LEU A 204 1.39 -4.83 6.68
CA LEU A 204 2.45 -5.56 7.40
C LEU A 204 2.32 -7.07 7.19
N ASP A 205 1.15 -7.53 6.69
CA ASP A 205 0.92 -8.92 6.29
C ASP A 205 1.66 -9.30 5.01
N LYS A 206 1.95 -8.32 4.16
CA LYS A 206 2.60 -8.54 2.85
C LYS A 206 4.12 -8.46 2.97
N ARG A 207 4.69 -9.13 3.96
CA ARG A 207 6.11 -9.01 4.23
C ARG A 207 6.81 -10.33 4.46
N GLU A 208 8.13 -10.27 4.33
CA GLU A 208 8.97 -11.46 4.40
C GLU A 208 9.47 -11.69 5.82
N GLY A 209 9.58 -12.96 6.19
CA GLY A 209 10.13 -13.34 7.48
C GLY A 209 9.16 -13.22 8.62
N GLU A 210 9.61 -13.58 9.81
CA GLU A 210 8.79 -13.49 11.00
C GLU A 210 9.07 -12.17 11.71
N LYS A 211 8.03 -11.42 12.03
CA LYS A 211 8.18 -10.10 12.62
C LYS A 211 7.34 -9.94 13.87
N ASN A 212 7.87 -9.14 14.79
CA ASN A 212 7.17 -8.77 16.02
C ASN A 212 6.56 -7.38 15.89
N ILE A 213 5.26 -7.32 16.11
CA ILE A 213 4.52 -6.10 15.97
C ILE A 213 3.85 -5.74 17.31
N LEU A 214 4.12 -4.53 17.78
CA LEU A 214 3.47 -3.98 18.95
C LEU A 214 2.42 -2.96 18.50
N VAL A 215 1.16 -3.23 18.82
CA VAL A 215 0.07 -2.34 18.49
C VAL A 215 -0.31 -1.58 19.79
N PHE A 216 -0.29 -0.26 19.71
CA PHE A 216 -0.55 0.65 20.80
C PHE A 216 -1.83 1.38 20.45
N ASP A 217 -2.94 0.95 21.07
CA ASP A 217 -4.31 1.42 20.74
C ASP A 217 -4.93 2.23 21.88
N LEU A 218 -4.84 3.55 21.78
CA LEU A 218 -5.37 4.41 22.82
C LEU A 218 -6.64 5.10 22.29
N GLY A 219 -7.80 4.63 22.74
CA GLY A 219 -9.11 5.06 22.24
C GLY A 219 -9.80 6.05 23.14
N GLY A 220 -11.13 5.99 23.16
CA GLY A 220 -11.97 6.91 23.93
C GLY A 220 -11.95 6.58 25.40
N GLY A 221 -12.49 5.41 25.77
CA GLY A 221 -12.45 4.96 27.18
C GLY A 221 -11.50 3.82 27.49
N THR A 222 -10.77 3.34 26.48
CA THR A 222 -9.98 2.09 26.59
C THR A 222 -8.58 2.23 26.07
N PHE A 223 -7.66 1.50 26.68
CA PHE A 223 -6.26 1.42 26.22
C PHE A 223 -5.90 -0.03 26.02
N ASP A 224 -5.47 -0.38 24.84
CA ASP A 224 -5.15 -1.74 24.48
C ASP A 224 -3.76 -1.83 23.87
N VAL A 225 -2.95 -2.73 24.38
CA VAL A 225 -1.66 -3.04 23.81
C VAL A 225 -1.69 -4.50 23.39
N SER A 226 -1.29 -4.77 22.15
CA SER A 226 -1.30 -6.13 21.65
C SER A 226 0.04 -6.44 21.01
N LEU A 227 0.63 -7.57 21.41
CA LEU A 227 1.79 -8.06 20.73
C LEU A 227 1.38 -9.15 19.73
N LEU A 228 1.67 -8.90 18.46
CA LEU A 228 1.39 -9.83 17.38
C LEU A 228 2.69 -10.29 16.75
N THR A 229 2.70 -11.51 16.23
CA THR A 229 3.71 -11.92 15.28
C THR A 229 3.05 -12.13 13.94
N ILE A 230 3.80 -11.84 12.90
CA ILE A 230 3.39 -12.10 11.54
C ILE A 230 4.40 -13.06 10.98
N ASP A 231 3.91 -14.06 10.28
CA ASP A 231 4.76 -14.97 9.55
C ASP A 231 3.93 -15.59 8.44
N ASN A 232 4.44 -15.50 7.22
CA ASN A 232 3.79 -16.10 6.05
C ASN A 232 2.32 -15.76 5.94
N GLY A 233 2.03 -14.47 6.13
CA GLY A 233 0.67 -13.96 6.02
C GLY A 233 -0.25 -14.26 7.19
N VAL A 234 0.25 -15.00 8.19
CA VAL A 234 -0.59 -15.39 9.30
C VAL A 234 -0.18 -14.66 10.58
N PHE A 235 -1.16 -13.97 11.17
CA PHE A 235 -0.98 -13.23 12.40
C PHE A 235 -1.32 -14.09 13.59
N GLU A 236 -0.49 -14.01 14.62
CA GLU A 236 -0.77 -14.65 15.90
C GLU A 236 -0.78 -13.56 17.00
N VAL A 237 -1.81 -13.56 17.84
CA VAL A 237 -1.84 -12.66 19.01
C VAL A 237 -1.10 -13.37 20.12
N VAL A 238 0.07 -12.86 20.48
CA VAL A 238 0.88 -13.47 21.49
C VAL A 238 0.45 -13.04 22.90
N ALA A 239 0.16 -11.76 23.06
CA ALA A 239 -0.17 -11.21 24.36
C ALA A 239 -0.96 -9.91 24.18
N THR A 240 -1.81 -9.62 25.15
CA THR A 240 -2.59 -8.40 25.17
C THR A 240 -2.52 -7.84 26.59
N ASN A 241 -2.63 -6.52 26.67
CA ASN A 241 -2.72 -5.86 27.96
C ASN A 241 -3.34 -4.49 27.73
N GLY A 242 -3.15 -3.58 28.68
CA GLY A 242 -3.68 -2.22 28.60
C GLY A 242 -4.40 -1.84 29.88
N ASP A 243 -5.38 -0.96 29.75
CA ASP A 243 -6.23 -0.54 30.85
C ASP A 243 -7.62 -0.32 30.24
N THR A 244 -8.62 -1.02 30.73
CA THR A 244 -9.98 -0.94 30.18
C THR A 244 -10.69 0.42 30.46
N HIS A 245 -10.17 1.18 31.44
CA HIS A 245 -10.71 2.52 31.76
C HIS A 245 -9.61 3.56 31.74
N LEU A 246 -9.06 3.78 30.56
CA LEU A 246 -8.05 4.80 30.34
C LEU A 246 -8.05 5.15 28.89
N GLY A 247 -8.22 6.42 28.58
CA GLY A 247 -8.27 6.87 27.20
C GLY A 247 -8.56 8.34 27.12
N GLY A 248 -8.98 8.77 25.95
CA GLY A 248 -9.18 10.17 25.66
C GLY A 248 -10.20 10.83 26.53
N GLU A 249 -11.22 10.05 26.96
CA GLU A 249 -12.23 10.53 27.90
C GLU A 249 -11.59 11.00 29.19
N ASP A 250 -10.56 10.30 29.66
CA ASP A 250 -9.88 10.75 30.89
C ASP A 250 -9.14 12.06 30.68
N PHE A 251 -8.60 12.26 29.47
CA PHE A 251 -7.93 13.54 29.15
C PHE A 251 -8.92 14.69 29.06
N ASP A 252 -10.11 14.43 28.50
CA ASP A 252 -11.19 15.39 28.50
C ASP A 252 -11.50 15.79 29.93
N GLN A 253 -11.69 14.80 30.79
CA GLN A 253 -12.07 15.06 32.17
C GLN A 253 -11.06 15.89 32.93
N ARG A 254 -9.77 15.66 32.69
CA ARG A 254 -8.74 16.52 33.30
C ARG A 254 -8.90 17.97 32.84
N VAL A 255 -9.26 18.17 31.58
CA VAL A 255 -9.53 19.54 31.07
C VAL A 255 -10.83 20.12 31.66
N MET A 256 -11.86 19.29 31.76
CA MET A 256 -13.13 19.69 32.41
C MET A 256 -12.81 20.23 33.79
N GLU A 257 -12.10 19.43 34.60
CA GLU A 257 -11.75 19.81 35.99
C GLU A 257 -11.02 21.17 36.01
N HIS A 258 -10.09 21.36 35.08
CA HIS A 258 -9.32 22.60 34.97
C HIS A 258 -10.24 23.79 34.76
N PHE A 259 -11.11 23.73 33.77
CA PHE A 259 -12.00 24.84 33.47
C PHE A 259 -13.08 25.05 34.50
N ILE A 260 -13.60 23.96 35.06
CA ILE A 260 -14.61 24.05 36.13
C ILE A 260 -14.04 24.73 37.37
N LYS A 261 -12.83 24.37 37.78
CA LYS A 261 -12.16 25.07 38.90
C LYS A 261 -11.91 26.54 38.58
N LEU A 262 -11.43 26.80 37.37
CA LEU A 262 -11.18 28.18 36.93
C LEU A 262 -12.45 29.04 37.01
N TYR A 263 -13.55 28.52 36.45
CA TYR A 263 -14.83 29.23 36.44
C TYR A 263 -15.29 29.54 37.84
N LYS A 264 -15.16 28.54 38.72
CA LYS A 264 -15.51 28.70 40.12
C LYS A 264 -14.64 29.75 40.79
N LYS A 265 -13.35 29.79 40.44
CA LYS A 265 -12.46 30.82 40.98
C LYS A 265 -12.87 32.21 40.49
N LYS A 266 -13.19 32.32 39.20
CA LYS A 266 -13.57 33.61 38.60
C LYS A 266 -14.94 34.12 39.01
N THR A 267 -15.90 33.22 39.20
CA THR A 267 -17.30 33.62 39.41
C THR A 267 -17.90 33.18 40.74
N GLY A 268 -17.26 32.25 41.45
CA GLY A 268 -17.84 31.68 42.67
C GLY A 268 -18.88 30.59 42.40
N LYS A 269 -19.16 30.33 41.11
CA LYS A 269 -20.22 29.39 40.71
C LYS A 269 -19.64 28.03 40.37
N ASP A 270 -20.27 26.96 40.88
CA ASP A 270 -19.93 25.58 40.52
C ASP A 270 -20.87 25.05 39.44
N VAL A 271 -20.38 24.99 38.20
CA VAL A 271 -21.24 24.62 37.06
C VAL A 271 -21.79 23.20 37.07
N ARG A 272 -21.21 22.31 37.89
CA ARG A 272 -21.67 20.91 37.90
C ARG A 272 -23.11 20.79 38.34
N LYS A 273 -23.63 21.82 39.00
CA LYS A 273 -25.04 21.84 39.39
C LYS A 273 -25.95 21.74 38.15
N ASP A 274 -25.44 22.15 36.98
CA ASP A 274 -26.20 22.11 35.73
C ASP A 274 -25.55 21.15 34.74
N ASN A 275 -26.22 20.03 34.50
CA ASN A 275 -25.72 18.98 33.59
C ASN A 275 -25.60 19.43 32.15
N ARG A 276 -26.55 20.26 31.71
CA ARG A 276 -26.52 20.77 30.35
C ARG A 276 -25.24 21.59 30.19
N ALA A 277 -24.89 22.36 31.21
CA ALA A 277 -23.64 23.13 31.20
C ALA A 277 -22.43 22.21 31.10
N VAL A 278 -22.41 21.17 31.92
CA VAL A 278 -21.30 20.23 31.90
C VAL A 278 -21.21 19.54 30.54
N GLN A 279 -22.37 19.16 29.99
CA GLN A 279 -22.45 18.54 28.67
C GLN A 279 -21.90 19.49 27.58
N LYS A 280 -22.27 20.76 27.65
CA LYS A 280 -21.80 21.75 26.70
C LYS A 280 -20.27 21.92 26.79
N LEU A 281 -19.74 22.05 27.99
CA LEU A 281 -18.29 22.20 28.18
C LEU A 281 -17.55 20.92 27.73
N ARG A 282 -18.11 19.75 28.01
CA ARG A 282 -17.47 18.53 27.55
C ARG A 282 -17.35 18.52 26.02
N ARG A 283 -18.41 18.93 25.33
CA ARG A 283 -18.38 18.93 23.88
C ARG A 283 -17.35 19.92 23.33
N GLU A 284 -17.27 21.10 23.92
CA GLU A 284 -16.30 22.08 23.48
C GLU A 284 -14.90 21.63 23.84
N VAL A 285 -14.74 21.01 25.01
CA VAL A 285 -13.42 20.54 25.44
C VAL A 285 -12.91 19.42 24.51
N GLU A 286 -13.78 18.48 24.13
CA GLU A 286 -13.42 17.39 23.24
C GLU A 286 -12.93 17.94 21.89
N LYS A 287 -13.66 18.91 21.36
CA LYS A 287 -13.30 19.58 20.12
C LYS A 287 -11.95 20.33 20.25
N ALA A 288 -11.81 21.15 21.28
CA ALA A 288 -10.54 21.85 21.52
C ALA A 288 -9.35 20.87 21.57
N LYS A 289 -9.51 19.75 22.28
CA LYS A 289 -8.49 18.69 22.35
C LYS A 289 -8.07 18.20 20.94
N ARG A 290 -9.04 17.90 20.09
CA ARG A 290 -8.75 17.51 18.72
C ARG A 290 -7.95 18.57 17.93
N ALA A 291 -8.35 19.82 18.07
CA ALA A 291 -7.69 20.90 17.37
C ALA A 291 -6.26 21.01 17.87
N LEU A 292 -6.05 20.73 19.14
CA LEU A 292 -4.71 20.82 19.71
C LEU A 292 -3.75 19.69 19.26
N SER A 293 -4.28 18.74 18.49
CA SER A 293 -3.42 17.76 17.85
C SER A 293 -2.75 18.31 16.59
N SER A 294 -3.24 19.42 16.08
CA SER A 294 -2.67 20.01 14.88
C SER A 294 -2.38 21.50 15.01
N GLN A 295 -2.73 22.12 16.14
CA GLN A 295 -2.38 23.52 16.40
C GLN A 295 -2.02 23.71 17.86
N HIS A 296 -1.44 24.86 18.20
CA HIS A 296 -0.85 25.05 19.55
C HIS A 296 -1.79 25.72 20.54
N GLN A 297 -2.87 26.32 20.06
CA GLN A 297 -3.89 26.94 20.94
C GLN A 297 -5.30 26.73 20.40
N ALA A 298 -6.28 26.69 21.29
CA ALA A 298 -7.69 26.63 20.88
C ALA A 298 -8.59 27.39 21.85
N ARG A 299 -9.66 27.98 21.32
CA ARG A 299 -10.61 28.74 22.12
C ARG A 299 -11.80 27.87 22.47
N ILE A 300 -12.26 27.99 23.70
CA ILE A 300 -13.50 27.36 24.10
C ILE A 300 -14.50 28.47 24.38
N GLU A 301 -15.61 28.45 23.64
CA GLU A 301 -16.64 29.44 23.81
C GLU A 301 -18.04 28.87 23.85
N ILE A 302 -18.78 29.29 24.86
CA ILE A 302 -20.13 28.81 25.10
C ILE A 302 -20.97 29.98 25.56
N GLU A 303 -22.02 30.26 24.82
CA GLU A 303 -22.96 31.28 25.26
C GLU A 303 -24.04 30.60 26.07
N SER A 304 -24.58 31.33 27.03
CA SER A 304 -25.61 30.79 27.92
C SER A 304 -25.05 29.55 28.54
N PHE A 305 -23.84 29.68 29.07
CA PHE A 305 -23.14 28.55 29.63
C PHE A 305 -23.77 28.16 30.94
N TYR A 306 -23.87 29.14 31.83
CA TYR A 306 -24.34 28.90 33.17
C TYR A 306 -24.99 30.14 33.68
N GLU A 307 -26.25 30.01 34.08
CA GLU A 307 -27.06 31.11 34.59
C GLU A 307 -26.96 32.33 33.70
N GLY A 308 -27.16 32.12 32.41
CA GLY A 308 -27.17 33.20 31.43
C GLY A 308 -25.80 33.63 30.94
N GLU A 309 -24.76 33.44 31.76
CA GLU A 309 -23.42 33.97 31.48
C GLU A 309 -22.66 33.14 30.44
N ASP A 310 -21.81 33.80 29.67
CA ASP A 310 -21.04 33.14 28.61
C ASP A 310 -19.69 32.66 29.11
N PHE A 311 -19.11 31.74 28.36
CA PHE A 311 -17.84 31.17 28.70
C PHE A 311 -16.88 31.45 27.57
N SER A 312 -15.69 31.93 27.90
CA SER A 312 -14.61 32.19 26.94
C SER A 312 -13.27 31.94 27.60
N GLU A 313 -12.62 30.87 27.16
CA GLU A 313 -11.28 30.56 27.62
C GLU A 313 -10.51 29.95 26.48
N THR A 314 -9.19 29.98 26.59
CA THR A 314 -8.33 29.34 25.63
C THR A 314 -7.61 28.24 26.33
N LEU A 315 -7.12 27.29 25.55
CA LEU A 315 -6.32 26.21 26.05
C LEU A 315 -5.08 26.08 25.15
N THR A 316 -3.89 26.17 25.75
CA THR A 316 -2.65 25.89 25.02
C THR A 316 -2.39 24.38 24.97
N ARG A 317 -1.64 23.95 23.94
CA ARG A 317 -1.19 22.58 23.85
C ARG A 317 -0.39 22.22 25.09
N ALA A 318 0.53 23.10 25.49
CA ALA A 318 1.37 22.85 26.65
C ALA A 318 0.51 22.61 27.89
N LYS A 319 -0.54 23.43 28.06
CA LYS A 319 -1.43 23.28 29.22
C LYS A 319 -2.19 21.95 29.14
N PHE A 320 -2.62 21.57 27.94
CA PHE A 320 -3.29 20.27 27.74
C PHE A 320 -2.37 19.10 28.12
N GLU A 321 -1.09 19.21 27.72
CA GLU A 321 -0.09 18.18 28.07
C GLU A 321 0.22 18.18 29.57
N GLU A 322 0.38 19.38 30.15
CA GLU A 322 0.68 19.47 31.57
C GLU A 322 -0.43 18.82 32.40
N LEU A 323 -1.68 19.09 32.03
CA LEU A 323 -2.81 18.52 32.77
C LEU A 323 -2.83 17.00 32.70
N ASN A 324 -2.35 16.42 31.61
CA ASN A 324 -2.47 14.97 31.37
C ASN A 324 -1.20 14.15 31.38
N MET A 325 -0.08 14.77 31.75
CA MET A 325 1.23 14.16 31.57
C MET A 325 1.33 12.81 32.27
N ASP A 326 0.92 12.79 33.54
CA ASP A 326 0.94 11.57 34.34
C ASP A 326 0.13 10.46 33.68
N LEU A 327 -1.04 10.79 33.14
CA LEU A 327 -1.82 9.77 32.43
C LEU A 327 -1.12 9.34 31.13
N PHE A 328 -0.46 10.27 30.45
CA PHE A 328 0.25 9.89 29.21
C PHE A 328 1.34 8.86 29.55
N ARG A 329 2.14 9.15 30.58
CA ARG A 329 3.27 8.26 30.94
C ARG A 329 2.80 6.88 31.44
N SER A 330 1.63 6.84 32.10
CA SER A 330 1.05 5.58 32.62
C SER A 330 0.78 4.54 31.49
N THR A 331 0.62 4.99 30.25
CA THR A 331 0.40 4.04 29.13
C THR A 331 1.61 3.18 28.83
N MET A 332 2.80 3.58 29.29
CA MET A 332 4.01 2.80 29.02
C MET A 332 4.07 1.51 29.83
N LYS A 333 3.42 1.47 30.98
CA LYS A 333 3.54 0.32 31.87
C LYS A 333 2.91 -0.97 31.29
N PRO A 334 1.67 -0.88 30.72
CA PRO A 334 1.15 -2.08 30.09
C PRO A 334 1.96 -2.56 28.88
N VAL A 335 2.67 -1.65 28.21
CA VAL A 335 3.57 -2.03 27.10
C VAL A 335 4.76 -2.87 27.59
N GLN A 336 5.41 -2.38 28.64
CA GLN A 336 6.51 -3.09 29.26
C GLN A 336 6.03 -4.49 29.71
N LYS A 337 4.81 -4.54 30.27
CA LYS A 337 4.21 -5.80 30.70
C LYS A 337 4.03 -6.78 29.54
N VAL A 338 3.50 -6.32 28.41
CA VAL A 338 3.31 -7.27 27.27
C VAL A 338 4.64 -7.77 26.73
N LEU A 339 5.66 -6.91 26.73
CA LEU A 339 7.02 -7.34 26.37
C LEU A 339 7.53 -8.44 27.27
N GLU A 340 7.46 -8.23 28.59
CA GLU A 340 7.88 -9.25 29.59
C GLU A 340 7.13 -10.58 29.42
N ASP A 341 5.81 -10.50 29.29
CA ASP A 341 4.98 -11.71 29.10
C ASP A 341 5.28 -12.43 27.78
N SER A 342 5.68 -11.68 26.76
CA SER A 342 6.04 -12.26 25.49
C SER A 342 7.54 -12.66 25.41
N ASP A 343 8.29 -12.45 26.49
CA ASP A 343 9.71 -12.79 26.57
C ASP A 343 10.51 -11.98 25.52
N LEU A 344 10.13 -10.72 25.35
CA LEU A 344 10.78 -9.80 24.40
C LEU A 344 11.31 -8.56 25.08
N LYS A 345 12.33 -8.00 24.46
CA LYS A 345 12.87 -6.70 24.85
C LYS A 345 12.50 -5.67 23.76
N LYS A 346 12.73 -4.39 24.05
CA LYS A 346 12.33 -3.31 23.14
C LYS A 346 12.88 -3.48 21.71
N SER A 347 14.14 -3.87 21.62
CA SER A 347 14.82 -4.07 20.34
C SER A 347 14.32 -5.28 19.56
N ASP A 348 13.49 -6.12 20.17
CA ASP A 348 12.88 -7.24 19.44
C ASP A 348 11.68 -6.81 18.60
N ILE A 349 11.15 -5.61 18.87
CA ILE A 349 9.96 -5.11 18.13
C ILE A 349 10.38 -4.55 16.79
N ASP A 350 9.77 -5.10 15.73
CA ASP A 350 10.13 -4.75 14.35
C ASP A 350 9.16 -3.68 13.78
N GLU A 351 7.91 -3.70 14.24
CA GLU A 351 6.91 -2.73 13.78
C GLU A 351 6.10 -2.21 14.98
N ILE A 352 5.90 -0.91 15.02
CA ILE A 352 5.11 -0.25 16.05
C ILE A 352 3.94 0.39 15.31
N VAL A 353 2.72 -0.04 15.61
CA VAL A 353 1.52 0.51 14.98
C VAL A 353 0.73 1.33 16.02
N LEU A 354 0.46 2.60 15.71
CA LEU A 354 -0.42 3.46 16.53
C LEU A 354 -1.88 3.33 16.07
N VAL A 355 -2.76 3.03 17.01
CA VAL A 355 -4.19 2.88 16.75
C VAL A 355 -4.95 3.75 17.73
N GLY A 356 -6.14 4.19 17.31
CA GLY A 356 -7.05 4.96 18.17
C GLY A 356 -6.87 6.46 18.04
N GLY A 357 -7.96 7.17 18.28
CA GLY A 357 -7.98 8.63 18.09
C GLY A 357 -6.98 9.39 18.96
N SER A 358 -6.74 8.91 20.16
CA SER A 358 -5.86 9.61 21.08
C SER A 358 -4.40 9.52 20.68
N THR A 359 -4.06 8.57 19.79
CA THR A 359 -2.69 8.51 19.30
C THR A 359 -2.41 9.62 18.29
N ARG A 360 -3.44 10.39 17.92
CA ARG A 360 -3.19 11.65 17.18
C ARG A 360 -2.55 12.76 18.03
N ILE A 361 -2.53 12.58 19.34
CA ILE A 361 -1.95 13.54 20.25
C ILE A 361 -0.42 13.51 20.04
N PRO A 362 0.17 14.62 19.60
CA PRO A 362 1.63 14.63 19.40
C PRO A 362 2.44 14.12 20.59
N LYS A 363 2.04 14.49 21.81
CA LYS A 363 2.78 14.04 22.98
C LYS A 363 2.74 12.52 23.11
N ILE A 364 1.60 11.92 22.79
CA ILE A 364 1.49 10.47 22.80
C ILE A 364 2.47 9.85 21.82
N GLN A 365 2.48 10.35 20.59
CA GLN A 365 3.44 9.84 19.59
C GLN A 365 4.86 10.00 20.12
N GLN A 366 5.21 11.18 20.63
CA GLN A 366 6.57 11.41 21.13
C GLN A 366 6.95 10.41 22.22
N LEU A 367 6.07 10.22 23.21
CA LEU A 367 6.36 9.27 24.30
C LEU A 367 6.46 7.81 23.87
N VAL A 368 5.67 7.39 22.86
CA VAL A 368 5.82 6.03 22.28
C VAL A 368 7.18 5.89 21.59
N LYS A 369 7.52 6.87 20.78
CA LYS A 369 8.78 6.87 20.08
C LYS A 369 9.97 6.84 21.07
N GLU A 370 9.86 7.59 22.16
CA GLU A 370 10.92 7.63 23.18
C GLU A 370 10.99 6.32 23.99
N PHE A 371 9.83 5.68 24.21
CA PHE A 371 9.82 4.33 24.84
C PHE A 371 10.64 3.34 24.00
N PHE A 372 10.51 3.43 22.69
CA PHE A 372 11.24 2.57 21.75
C PHE A 372 12.52 3.16 21.21
N ASN A 373 13.20 3.98 22.05
CA ASN A 373 14.50 4.55 21.73
C ASN A 373 14.65 5.19 20.32
N GLY A 374 13.65 6.00 19.91
CA GLY A 374 13.74 6.76 18.67
C GLY A 374 13.13 6.08 17.45
N LYS A 375 12.63 4.86 17.64
CA LYS A 375 12.06 4.12 16.51
C LYS A 375 10.72 4.69 16.07
N GLU A 376 10.59 4.90 14.77
CA GLU A 376 9.40 5.49 14.21
C GLU A 376 8.28 4.47 14.03
N PRO A 377 7.07 4.82 14.42
CA PRO A 377 5.95 3.92 14.10
C PRO A 377 5.54 3.99 12.67
N SER A 378 4.70 3.03 12.23
CA SER A 378 4.02 3.16 10.94
C SER A 378 3.28 4.49 10.86
N ARG A 379 3.20 5.06 9.66
CA ARG A 379 2.59 6.39 9.45
C ARG A 379 1.76 6.34 8.19
N GLY A 380 0.71 7.15 8.12
CA GLY A 380 0.04 7.38 6.83
C GLY A 380 -1.43 7.06 6.81
N ILE A 381 -1.91 6.37 7.82
CA ILE A 381 -3.33 6.12 7.94
C ILE A 381 -3.79 6.75 9.24
N ASN A 382 -4.92 7.42 9.23
CA ASN A 382 -5.45 8.00 10.45
C ASN A 382 -5.72 6.88 11.46
N PRO A 383 -5.13 6.99 12.67
CA PRO A 383 -5.19 5.87 13.64
C PRO A 383 -6.59 5.52 14.07
N ASP A 384 -7.50 6.48 14.10
CA ASP A 384 -8.89 6.16 14.41
C ASP A 384 -9.62 5.55 13.24
N GLU A 385 -8.97 5.53 12.07
CA GLU A 385 -9.51 4.91 10.87
C GLU A 385 -8.84 3.55 10.50
N ALA A 386 -7.66 3.25 11.08
CA ALA A 386 -6.83 2.08 10.63
C ALA A 386 -7.55 0.77 10.77
N VAL A 387 -8.29 0.62 11.84
CA VAL A 387 -9.01 -0.65 12.07
C VAL A 387 -10.03 -0.90 11.00
N ALA A 388 -10.88 0.08 10.76
CA ALA A 388 -11.90 -0.02 9.71
C ALA A 388 -11.23 -0.14 8.34
N TYR A 389 -10.06 0.52 8.19
CA TYR A 389 -9.29 0.46 6.92
C TYR A 389 -8.94 -1.00 6.60
N GLY A 390 -8.34 -1.68 7.59
CA GLY A 390 -8.00 -3.09 7.48
C GLY A 390 -9.19 -3.98 7.20
N ALA A 391 -10.27 -3.76 7.93
CA ALA A 391 -11.52 -4.49 7.68
C ALA A 391 -11.94 -4.31 6.21
N ALA A 392 -11.81 -3.10 5.72
CA ALA A 392 -12.19 -2.74 4.36
C ALA A 392 -11.32 -3.41 3.31
N VAL A 393 -10.02 -3.46 3.57
CA VAL A 393 -9.08 -4.28 2.75
C VAL A 393 -9.58 -5.73 2.59
N GLN A 394 -9.93 -6.40 3.69
CA GLN A 394 -10.42 -7.78 3.58
C GLN A 394 -11.78 -7.83 2.89
N ALA A 395 -12.62 -6.83 3.17
CA ALA A 395 -13.93 -6.75 2.54
C ALA A 395 -13.78 -6.64 1.03
N GLY A 396 -12.73 -5.92 0.59
CA GLY A 396 -12.42 -5.82 -0.83
C GLY A 396 -12.22 -7.17 -1.47
N VAL A 397 -11.32 -7.95 -0.89
CA VAL A 397 -11.05 -9.31 -1.38
C VAL A 397 -12.38 -10.13 -1.44
N LEU A 398 -13.15 -10.11 -0.35
CA LEU A 398 -14.41 -10.88 -0.30
C LEU A 398 -15.47 -10.39 -1.28
N SER A 399 -15.44 -9.10 -1.62
CA SER A 399 -16.36 -8.57 -2.59
C SER A 399 -15.98 -9.07 -3.98
N GLY A 400 -14.68 -9.19 -4.22
CA GLY A 400 -14.17 -9.70 -5.48
C GLY A 400 -14.16 -8.65 -6.57
N VAL B 20 -15.48 -2.34 -22.01
CA VAL B 20 -14.02 -2.33 -21.72
C VAL B 20 -13.48 -3.67 -21.16
N GLY B 21 -14.33 -4.36 -20.38
CA GLY B 21 -13.95 -5.62 -19.73
C GLY B 21 -12.82 -5.39 -18.76
N THR B 22 -11.91 -6.35 -18.70
CA THR B 22 -10.75 -6.27 -17.82
C THR B 22 -9.60 -5.62 -18.57
N VAL B 23 -9.26 -4.43 -18.15
CA VAL B 23 -8.19 -3.69 -18.77
C VAL B 23 -6.88 -4.27 -18.23
N VAL B 24 -5.87 -4.36 -19.08
CA VAL B 24 -4.55 -4.86 -18.66
C VAL B 24 -3.57 -3.71 -18.52
N GLY B 25 -2.58 -3.88 -17.66
CA GLY B 25 -1.44 -2.92 -17.59
C GLY B 25 -0.22 -3.58 -18.21
N ILE B 26 0.31 -2.99 -19.29
CA ILE B 26 1.44 -3.57 -19.98
C ILE B 26 2.65 -2.66 -19.92
N ASP B 27 3.75 -3.19 -19.43
CA ASP B 27 5.02 -2.56 -19.57
C ASP B 27 5.57 -3.08 -20.89
N LEU B 28 5.70 -2.20 -21.88
CA LEU B 28 6.29 -2.58 -23.16
C LEU B 28 7.76 -2.18 -23.10
N GLY B 29 8.59 -3.13 -22.70
CA GLY B 29 10.01 -2.89 -22.44
C GLY B 29 10.91 -3.07 -23.67
N THR B 30 12.06 -2.38 -23.62
CA THR B 30 13.06 -2.45 -24.65
C THR B 30 13.52 -3.89 -24.79
N THR B 31 13.72 -4.54 -23.64
CA THR B 31 14.32 -5.85 -23.56
C THR B 31 13.30 -6.86 -23.01
N TYR B 32 12.53 -6.52 -21.96
CA TYR B 32 11.50 -7.41 -21.34
C TYR B 32 10.20 -6.66 -21.06
N SER B 33 9.09 -7.28 -21.44
CA SER B 33 7.79 -6.76 -21.19
C SER B 33 7.12 -7.54 -20.05
N CYS B 34 6.11 -6.94 -19.46
CA CYS B 34 5.47 -7.46 -18.27
C CYS B 34 4.00 -7.06 -18.33
N VAL B 35 3.10 -7.95 -17.91
CA VAL B 35 1.65 -7.63 -17.96
C VAL B 35 1.01 -7.94 -16.62
N GLY B 36 0.13 -7.03 -16.18
CA GLY B 36 -0.60 -7.20 -14.93
C GLY B 36 -2.07 -6.85 -15.06
N VAL B 37 -2.88 -7.37 -14.15
CA VAL B 37 -4.29 -7.03 -14.05
C VAL B 37 -4.63 -6.80 -12.59
N PHE B 38 -5.74 -6.13 -12.35
CA PHE B 38 -6.24 -5.97 -11.01
C PHE B 38 -7.39 -6.92 -10.87
N LYS B 39 -7.33 -7.77 -9.87
CA LYS B 39 -8.32 -8.77 -9.73
C LYS B 39 -8.45 -9.13 -8.25
N ASN B 40 -9.69 -9.24 -7.78
CA ASN B 40 -9.99 -9.57 -6.39
C ASN B 40 -9.23 -8.69 -5.39
N GLY B 41 -9.25 -7.38 -5.64
CA GLY B 41 -8.68 -6.41 -4.70
C GLY B 41 -7.18 -6.22 -4.72
N ARG B 42 -6.49 -6.83 -5.68
CA ARG B 42 -5.05 -6.60 -5.80
C ARG B 42 -4.55 -6.74 -7.22
N VAL B 43 -3.33 -6.23 -7.45
CA VAL B 43 -2.63 -6.43 -8.71
C VAL B 43 -2.10 -7.86 -8.78
N GLU B 44 -2.33 -8.53 -9.91
CA GLU B 44 -1.70 -9.81 -10.22
C GLU B 44 -0.80 -9.61 -11.45
N ILE B 45 0.50 -9.88 -11.28
CA ILE B 45 1.43 -9.96 -12.41
C ILE B 45 1.33 -11.35 -13.03
N ILE B 46 1.19 -11.40 -14.35
CA ILE B 46 0.84 -12.67 -15.00
C ILE B 46 2.02 -13.33 -15.67
N ALA B 47 2.22 -14.60 -15.37
CA ALA B 47 3.27 -15.37 -16.00
C ALA B 47 2.83 -15.85 -17.38
N ASN B 48 3.80 -15.86 -18.29
CA ASN B 48 3.59 -16.34 -19.65
C ASN B 48 3.67 -17.85 -19.72
N ASP B 49 3.50 -18.44 -20.91
CA ASP B 49 3.45 -19.89 -21.02
C ASP B 49 4.78 -20.61 -20.68
N GLN B 50 5.87 -19.87 -20.54
CA GLN B 50 7.13 -20.46 -20.07
C GLN B 50 7.34 -20.25 -18.58
N GLY B 51 6.32 -19.72 -17.91
CA GLY B 51 6.34 -19.58 -16.48
C GLY B 51 7.06 -18.34 -16.00
N ASN B 52 7.29 -17.41 -16.91
CA ASN B 52 8.04 -16.21 -16.55
C ASN B 52 7.11 -15.01 -16.45
N ARG B 53 7.33 -14.24 -15.40
CA ARG B 53 6.56 -13.04 -15.11
C ARG B 53 7.03 -11.85 -15.95
N ILE B 54 8.15 -12.04 -16.67
CA ILE B 54 8.54 -11.14 -17.74
C ILE B 54 8.82 -11.90 -19.02
N THR B 55 8.69 -11.19 -20.15
CA THR B 55 8.75 -11.75 -21.49
C THR B 55 9.70 -10.89 -22.33
N PRO B 56 10.68 -11.51 -22.99
CA PRO B 56 11.56 -10.71 -23.85
C PRO B 56 10.80 -10.12 -25.02
N SER B 57 11.12 -8.85 -25.34
CA SER B 57 10.49 -8.16 -26.45
C SER B 57 11.24 -8.55 -27.72
N TYR B 58 11.02 -9.79 -28.14
CA TYR B 58 11.81 -10.45 -29.20
C TYR B 58 10.90 -11.13 -30.17
N VAL B 59 11.22 -11.02 -31.44
CA VAL B 59 10.49 -11.71 -32.50
C VAL B 59 11.42 -12.38 -33.46
N ALA B 60 11.19 -13.69 -33.74
CA ALA B 60 11.98 -14.44 -34.70
C ALA B 60 11.03 -15.16 -35.67
N PHE B 61 11.44 -15.19 -36.94
CA PHE B 61 10.76 -16.00 -37.93
C PHE B 61 11.61 -17.14 -38.26
N THR B 62 11.02 -18.34 -38.25
CA THR B 62 11.74 -19.53 -38.56
C THR B 62 11.73 -19.67 -40.06
N PRO B 63 12.68 -20.45 -40.59
CA PRO B 63 12.68 -20.79 -42.03
C PRO B 63 11.38 -21.50 -42.53
N GLU B 64 10.72 -22.23 -41.64
CA GLU B 64 9.47 -22.89 -41.95
C GLU B 64 8.31 -21.86 -42.01
N GLY B 65 8.59 -20.62 -41.63
CA GLY B 65 7.57 -19.55 -41.64
C GLY B 65 6.83 -19.35 -40.33
N GLU B 66 7.30 -19.95 -39.26
CA GLU B 66 6.64 -19.73 -37.97
C GLU B 66 7.14 -18.45 -37.34
N ARG B 67 6.26 -17.74 -36.67
CA ARG B 67 6.65 -16.55 -35.97
C ARG B 67 6.74 -16.85 -34.50
N LEU B 68 7.91 -16.63 -33.93
CA LEU B 68 8.15 -16.86 -32.52
C LEU B 68 8.19 -15.54 -31.83
N ILE B 69 7.66 -15.49 -30.61
CA ILE B 69 7.64 -14.23 -29.86
C ILE B 69 7.97 -14.54 -28.41
N GLY B 70 8.81 -13.70 -27.81
CA GLY B 70 9.14 -13.84 -26.41
C GLY B 70 10.25 -14.82 -26.18
N ASP B 71 10.11 -15.61 -25.11
CA ASP B 71 11.17 -16.52 -24.67
C ASP B 71 11.59 -17.47 -25.79
N ALA B 72 10.62 -17.95 -26.56
CA ALA B 72 10.89 -18.84 -27.67
C ALA B 72 11.72 -18.17 -28.77
N ALA B 73 11.50 -16.89 -29.01
CA ALA B 73 12.27 -16.16 -30.00
C ALA B 73 13.70 -15.90 -29.49
N LYS B 74 13.83 -15.45 -28.25
CA LYS B 74 15.14 -15.17 -27.67
C LYS B 74 16.03 -16.42 -27.49
N ASN B 75 15.41 -17.55 -27.15
CA ASN B 75 16.20 -18.77 -26.78
C ASN B 75 16.43 -19.77 -27.92
N GLN B 76 16.49 -19.25 -29.12
CA GLN B 76 16.49 -20.09 -30.27
C GLN B 76 17.88 -20.67 -30.55
N THR B 78 19.27 -23.56 -33.50
CA THR B 78 19.13 -22.65 -34.62
C THR B 78 19.64 -21.29 -34.20
N SER B 79 20.72 -20.82 -34.81
CA SER B 79 21.04 -19.39 -34.82
C SER B 79 20.30 -18.79 -36.02
N ASN B 80 19.66 -17.65 -35.80
CA ASN B 80 18.81 -17.03 -36.79
C ASN B 80 19.01 -15.51 -36.76
N PRO B 81 20.27 -15.01 -36.65
CA PRO B 81 20.43 -13.64 -36.14
C PRO B 81 19.78 -12.54 -36.97
N GLU B 82 19.78 -12.66 -38.29
CA GLU B 82 19.27 -11.58 -39.11
C GLU B 82 17.75 -11.65 -39.23
N ASN B 83 17.16 -12.80 -38.94
CA ASN B 83 15.69 -12.91 -38.88
C ASN B 83 15.13 -12.96 -37.44
N THR B 84 15.96 -12.54 -36.46
CA THR B 84 15.47 -12.22 -35.09
C THR B 84 15.41 -10.70 -34.91
N VAL B 85 14.36 -10.22 -34.30
CA VAL B 85 14.13 -8.80 -34.16
C VAL B 85 14.01 -8.52 -32.69
N PHE B 86 14.68 -7.48 -32.26
CA PHE B 86 14.67 -7.06 -30.88
C PHE B 86 15.08 -5.60 -30.83
N ASP B 87 14.88 -4.95 -29.68
CA ASP B 87 15.24 -3.55 -29.51
C ASP B 87 14.49 -2.62 -30.47
N ALA B 88 13.31 -3.05 -30.95
CA ALA B 88 12.47 -2.20 -31.80
C ALA B 88 12.02 -0.92 -31.11
N LYS B 89 11.99 -0.92 -29.77
CA LYS B 89 11.68 0.27 -28.98
C LYS B 89 12.70 1.41 -29.20
N ARG B 90 13.96 1.07 -29.51
CA ARG B 90 14.97 2.09 -29.87
C ARG B 90 14.60 2.81 -31.18
N LEU B 91 13.78 2.19 -32.02
CA LEU B 91 13.40 2.76 -33.33
C LEU B 91 12.00 3.30 -33.41
N ILE B 92 11.11 2.84 -32.53
CA ILE B 92 9.72 3.21 -32.63
C ILE B 92 9.48 4.77 -32.53
N GLY B 93 8.62 5.27 -33.40
CA GLY B 93 8.27 6.66 -33.45
C GLY B 93 9.39 7.62 -33.83
N ARG B 94 10.42 7.10 -34.47
CA ARG B 94 11.53 7.91 -34.95
C ARG B 94 11.61 7.85 -36.46
N THR B 95 12.25 8.84 -37.06
CA THR B 95 12.52 8.82 -38.49
C THR B 95 13.77 8.05 -38.79
N TRP B 96 13.80 7.50 -40.00
CA TRP B 96 14.98 6.80 -40.50
C TRP B 96 16.24 7.62 -40.29
N ASN B 97 16.20 8.91 -40.61
CA ASN B 97 17.41 9.72 -40.53
C ASN B 97 17.72 10.32 -39.15
N ASP B 98 16.94 9.99 -38.15
CA ASP B 98 17.24 10.40 -36.80
C ASP B 98 18.68 9.92 -36.49
N PRO B 99 19.59 10.83 -36.07
CA PRO B 99 20.97 10.31 -35.79
C PRO B 99 21.03 9.17 -34.75
N SER B 100 20.07 9.13 -33.83
CA SER B 100 19.99 8.04 -32.86
C SER B 100 19.71 6.71 -33.59
N VAL B 101 18.80 6.73 -34.55
CA VAL B 101 18.53 5.55 -35.38
C VAL B 101 19.76 5.13 -36.18
N GLN B 102 20.41 6.07 -36.84
CA GLN B 102 21.59 5.77 -37.65
C GLN B 102 22.74 5.21 -36.81
N GLN B 103 22.84 5.64 -35.56
CA GLN B 103 23.81 5.06 -34.65
C GLN B 103 23.36 3.64 -34.23
N ASP B 104 22.10 3.50 -33.83
CA ASP B 104 21.59 2.18 -33.35
C ASP B 104 21.60 1.05 -34.40
N ILE B 105 21.37 1.37 -35.67
CA ILE B 105 21.34 0.29 -36.68
C ILE B 105 22.72 -0.37 -36.90
N LYS B 106 23.78 0.35 -36.53
CA LYS B 106 25.11 -0.21 -36.53
C LYS B 106 25.26 -1.45 -35.64
N PHE B 107 24.53 -1.49 -34.54
CA PHE B 107 24.66 -2.56 -33.58
C PHE B 107 23.61 -3.64 -33.74
N LEU B 108 22.63 -3.44 -34.62
CA LEU B 108 21.55 -4.43 -34.80
C LEU B 108 21.84 -5.38 -35.97
N PRO B 109 21.76 -6.71 -35.73
CA PRO B 109 22.14 -7.67 -36.76
C PRO B 109 21.06 -7.88 -37.85
N PHE B 110 19.84 -7.42 -37.61
CA PHE B 110 18.80 -7.44 -38.65
C PHE B 110 18.84 -6.17 -39.52
N LYS B 111 18.29 -6.31 -40.74
CA LYS B 111 18.27 -5.20 -41.69
C LYS B 111 17.23 -4.17 -41.29
N VAL B 112 17.67 -2.91 -41.33
CA VAL B 112 16.79 -1.73 -41.20
C VAL B 112 16.92 -0.86 -42.46
N VAL B 113 15.77 -0.57 -43.08
CA VAL B 113 15.74 0.16 -44.34
C VAL B 113 14.82 1.42 -44.26
N GLU B 114 15.10 2.45 -45.04
CA GLU B 114 14.23 3.63 -45.09
C GLU B 114 12.95 3.28 -45.84
N LYS B 115 11.81 3.52 -45.21
CA LYS B 115 10.53 3.44 -45.89
C LYS B 115 9.52 4.39 -45.22
N LYS B 116 8.79 5.12 -46.05
CA LYS B 116 7.85 6.17 -45.59
C LYS B 116 8.45 7.02 -44.47
N THR B 117 9.72 7.42 -44.66
CA THR B 117 10.50 8.29 -43.74
C THR B 117 11.02 7.58 -42.50
N LYS B 118 10.65 6.32 -42.34
CA LYS B 118 10.87 5.60 -41.11
C LYS B 118 11.85 4.44 -41.27
N PRO B 119 12.41 3.96 -40.13
CA PRO B 119 13.25 2.78 -40.15
C PRO B 119 12.42 1.50 -40.07
N TYR B 120 12.05 0.93 -41.20
CA TYR B 120 11.40 -0.38 -41.23
C TYR B 120 12.43 -1.49 -41.09
N ILE B 121 11.99 -2.61 -40.51
CA ILE B 121 12.83 -3.78 -40.27
C ILE B 121 12.50 -4.77 -41.37
N GLN B 122 13.54 -5.29 -42.02
CA GLN B 122 13.40 -6.22 -43.12
C GLN B 122 13.92 -7.58 -42.73
N VAL B 123 13.09 -8.60 -42.91
CA VAL B 123 13.45 -9.99 -42.58
C VAL B 123 12.87 -10.99 -43.57
N ASP B 124 13.50 -12.15 -43.65
CA ASP B 124 12.96 -13.32 -44.30
C ASP B 124 11.97 -14.00 -43.37
N ILE B 125 10.70 -14.04 -43.77
CA ILE B 125 9.66 -14.65 -42.94
C ILE B 125 9.52 -16.13 -43.20
N GLY B 126 10.32 -16.69 -44.11
CA GLY B 126 10.24 -18.11 -44.40
C GLY B 126 10.28 -18.41 -45.87
N GLY B 127 11.04 -19.42 -46.24
CA GLY B 127 11.17 -19.85 -47.62
C GLY B 127 11.76 -18.80 -48.54
N GLY B 128 12.44 -17.81 -47.98
CA GLY B 128 13.05 -16.73 -48.77
C GLY B 128 12.11 -15.56 -49.10
N GLN B 129 10.92 -15.54 -48.48
CA GLN B 129 9.99 -14.44 -48.69
C GLN B 129 10.44 -13.31 -47.78
N THR B 130 10.67 -12.14 -48.35
CA THR B 130 11.09 -10.99 -47.57
C THR B 130 9.89 -10.13 -47.19
N LYS B 131 9.90 -9.60 -45.96
CA LYS B 131 8.92 -8.68 -45.48
C LYS B 131 9.57 -7.59 -44.71
N THR B 132 8.82 -6.51 -44.64
CA THR B 132 9.27 -5.28 -44.11
C THR B 132 8.20 -4.86 -43.10
N PHE B 133 8.64 -4.50 -41.89
CA PHE B 133 7.74 -4.21 -40.74
C PHE B 133 8.14 -2.89 -40.11
N ALA B 134 7.15 -2.05 -39.85
CA ALA B 134 7.39 -0.83 -39.13
C ALA B 134 7.75 -1.19 -37.70
N PRO B 135 8.60 -0.37 -37.04
CA PRO B 135 8.90 -0.70 -35.66
C PRO B 135 7.64 -0.92 -34.81
N GLU B 136 6.57 -0.19 -35.09
CA GLU B 136 5.32 -0.39 -34.33
C GLU B 136 4.60 -1.70 -34.67
N GLU B 137 4.88 -2.27 -35.84
CA GLU B 137 4.39 -3.60 -36.20
C GLU B 137 5.09 -4.73 -35.40
N ILE B 138 6.38 -4.55 -35.15
CA ILE B 138 7.12 -5.45 -34.27
C ILE B 138 6.65 -5.29 -32.83
N SER B 139 6.55 -4.08 -32.38
CA SER B 139 5.99 -3.86 -31.04
C SER B 139 4.58 -4.44 -30.94
N ALA B 140 3.76 -4.32 -32.00
CA ALA B 140 2.42 -4.95 -31.98
C ALA B 140 2.46 -6.46 -31.72
N MET B 141 3.43 -7.16 -32.30
CA MET B 141 3.62 -8.59 -32.03
C MET B 141 3.95 -8.83 -30.56
N VAL B 142 4.83 -8.03 -29.98
CA VAL B 142 5.10 -8.13 -28.55
C VAL B 142 3.82 -7.91 -27.74
N LEU B 143 3.06 -6.91 -28.11
CA LEU B 143 1.81 -6.61 -27.39
C LEU B 143 0.80 -7.74 -27.54
N THR B 144 0.78 -8.36 -28.72
CA THR B 144 -0.15 -9.48 -28.97
C THR B 144 0.21 -10.62 -28.01
N LYS B 145 1.52 -10.82 -27.81
CA LYS B 145 1.97 -11.88 -26.88
C LYS B 145 1.58 -11.54 -25.42
N MET B 146 1.79 -10.30 -25.01
CA MET B 146 1.36 -9.87 -23.67
C MET B 146 -0.18 -10.01 -23.52
N LYS B 147 -0.90 -9.62 -24.56
CA LYS B 147 -2.35 -9.77 -24.59
C LYS B 147 -2.75 -11.23 -24.40
N GLU B 148 -2.14 -12.15 -25.15
CA GLU B 148 -2.42 -13.61 -24.99
C GLU B 148 -2.07 -14.18 -23.62
N THR B 149 -0.95 -13.74 -23.05
CA THR B 149 -0.57 -14.09 -21.68
C THR B 149 -1.70 -13.71 -20.70
N ALA B 150 -2.21 -12.49 -20.83
CA ALA B 150 -3.30 -12.04 -19.96
C ALA B 150 -4.60 -12.83 -20.22
N GLU B 151 -4.93 -13.07 -21.50
CA GLU B 151 -6.18 -13.77 -21.86
C GLU B 151 -6.16 -15.22 -21.36
N ALA B 152 -5.02 -15.89 -21.46
CA ALA B 152 -4.91 -17.26 -20.93
C ALA B 152 -5.14 -17.27 -19.42
N TYR B 153 -4.65 -16.24 -18.73
CA TYR B 153 -4.82 -16.10 -17.28
C TYR B 153 -6.27 -15.79 -16.90
N LEU B 154 -6.90 -14.88 -17.64
CA LEU B 154 -8.24 -14.43 -17.34
C LEU B 154 -9.32 -15.37 -17.87
N GLY B 155 -8.99 -16.18 -18.88
CA GLY B 155 -9.96 -17.07 -19.50
C GLY B 155 -10.98 -16.33 -20.35
N LYS B 156 -10.58 -15.19 -20.88
CA LYS B 156 -11.46 -14.37 -21.72
C LYS B 156 -10.63 -13.41 -22.57
N LYS B 157 -11.28 -12.76 -23.54
CA LYS B 157 -10.59 -11.77 -24.42
C LYS B 157 -10.31 -10.47 -23.69
N VAL B 158 -9.20 -9.85 -24.07
CA VAL B 158 -8.80 -8.55 -23.55
C VAL B 158 -8.77 -7.60 -24.74
N THR B 159 -9.42 -6.45 -24.58
CA THR B 159 -9.54 -5.47 -25.68
C THR B 159 -8.90 -4.13 -25.35
N HIS B 160 -8.71 -3.82 -24.07
CA HIS B 160 -8.24 -2.50 -23.68
C HIS B 160 -7.05 -2.61 -22.78
N ALA B 161 -6.20 -1.60 -22.79
CA ALA B 161 -4.96 -1.63 -22.02
C ALA B 161 -4.46 -0.24 -21.64
N VAL B 162 -3.67 -0.22 -20.61
CA VAL B 162 -2.85 0.93 -20.24
C VAL B 162 -1.42 0.54 -20.57
N VAL B 163 -0.73 1.33 -21.38
CA VAL B 163 0.59 1.01 -21.79
C VAL B 163 1.55 2.06 -21.33
N THR B 164 2.73 1.65 -20.87
CA THR B 164 3.69 2.58 -20.38
C THR B 164 4.73 2.89 -21.46
N VAL B 165 5.37 4.05 -21.33
CA VAL B 165 6.46 4.45 -22.20
C VAL B 165 7.49 5.15 -21.35
N PRO B 166 8.74 5.21 -21.83
CA PRO B 166 9.74 5.98 -21.05
C PRO B 166 9.35 7.45 -20.95
N ALA B 167 9.87 8.14 -19.95
CA ALA B 167 9.42 9.50 -19.66
C ALA B 167 9.86 10.50 -20.74
N TYR B 168 11.04 10.26 -21.36
CA TYR B 168 11.56 11.12 -22.43
C TYR B 168 10.82 10.91 -23.76
N PHE B 169 9.93 9.94 -23.84
CA PHE B 169 9.18 9.79 -25.08
C PHE B 169 8.51 11.06 -25.48
N ASN B 170 8.70 11.40 -26.74
CA ASN B 170 8.10 12.57 -27.33
C ASN B 170 6.75 12.19 -27.99
N ASP B 171 6.16 13.13 -28.69
CA ASP B 171 4.84 12.95 -29.28
C ASP B 171 4.77 11.76 -30.27
N ALA B 172 5.72 11.69 -31.19
CA ALA B 172 5.70 10.62 -32.23
C ALA B 172 5.91 9.24 -31.60
N GLN B 173 6.80 9.17 -30.62
CA GLN B 173 7.07 7.91 -29.94
C GLN B 173 5.83 7.43 -29.15
N ARG B 174 5.17 8.34 -28.45
CA ARG B 174 3.89 8.03 -27.78
C ARG B 174 2.81 7.57 -28.77
N GLN B 175 2.64 8.30 -29.85
CA GLN B 175 1.60 7.99 -30.82
C GLN B 175 1.88 6.64 -31.47
N ALA B 176 3.16 6.35 -31.72
CA ALA B 176 3.53 5.10 -32.40
C ALA B 176 3.34 3.87 -31.48
N THR B 177 3.48 4.07 -30.17
CA THR B 177 3.20 3.04 -29.19
C THR B 177 1.69 2.72 -29.16
N LYS B 178 0.85 3.74 -29.21
CA LYS B 178 -0.60 3.55 -29.32
C LYS B 178 -0.95 2.78 -30.56
N ASP B 179 -0.28 3.13 -31.67
CA ASP B 179 -0.53 2.51 -32.95
C ASP B 179 -0.13 1.04 -32.91
N ALA B 180 0.99 0.74 -32.25
CA ALA B 180 1.34 -0.66 -31.97
C ALA B 180 0.18 -1.41 -31.30
N GLY B 181 -0.45 -0.78 -30.31
CA GLY B 181 -1.60 -1.32 -29.64
C GLY B 181 -2.74 -1.60 -30.62
N THR B 182 -3.03 -0.63 -31.48
CA THR B 182 -4.18 -0.74 -32.39
C THR B 182 -3.97 -1.91 -33.32
N ILE B 183 -2.75 -2.00 -33.87
CA ILE B 183 -2.37 -3.13 -34.72
C ILE B 183 -2.55 -4.45 -33.99
N ALA B 184 -2.24 -4.49 -32.71
CA ALA B 184 -2.42 -5.70 -31.88
C ALA B 184 -3.87 -5.94 -31.42
N GLY B 185 -4.84 -5.16 -31.91
CA GLY B 185 -6.25 -5.30 -31.46
C GLY B 185 -6.52 -4.74 -30.06
N LEU B 186 -5.63 -3.89 -29.57
CA LEU B 186 -5.76 -3.30 -28.23
C LEU B 186 -6.07 -1.82 -28.34
N ASN B 187 -7.08 -1.39 -27.62
CA ASN B 187 -7.35 0.01 -27.52
C ASN B 187 -6.54 0.54 -26.35
N VAL B 188 -5.50 1.31 -26.62
CA VAL B 188 -4.66 1.84 -25.56
C VAL B 188 -5.36 3.08 -25.00
N MET B 189 -6.01 2.90 -23.85
CA MET B 189 -6.82 3.95 -23.24
C MET B 189 -5.96 5.03 -22.61
N ARG B 190 -4.79 4.63 -22.13
CA ARG B 190 -3.86 5.58 -21.55
C ARG B 190 -2.44 5.18 -21.82
N ILE B 191 -1.63 6.17 -22.12
CA ILE B 191 -0.18 6.03 -22.16
C ILE B 191 0.36 6.72 -20.92
N ILE B 192 1.10 6.02 -20.07
CA ILE B 192 1.66 6.69 -18.90
C ILE B 192 3.16 6.46 -18.81
N ASN B 193 3.84 7.36 -18.13
CA ASN B 193 5.29 7.27 -18.05
C ASN B 193 5.73 6.16 -17.11
N GLU B 194 6.75 5.44 -17.53
CA GLU B 194 7.27 4.29 -16.78
C GLU B 194 7.61 4.66 -15.33
N PRO B 195 8.39 5.73 -15.11
CA PRO B 195 8.75 6.00 -13.71
C PRO B 195 7.55 6.44 -12.88
N THR B 196 6.58 7.07 -13.53
CA THR B 196 5.34 7.43 -12.86
C THR B 196 4.53 6.17 -12.45
N ALA B 197 4.44 5.22 -13.35
CA ALA B 197 3.77 3.95 -13.06
C ALA B 197 4.44 3.21 -11.87
N ALA B 198 5.76 3.17 -11.87
CA ALA B 198 6.51 2.64 -10.72
C ALA B 198 6.09 3.32 -9.41
N ALA B 199 6.03 4.63 -9.42
CA ALA B 199 5.64 5.42 -8.25
C ALA B 199 4.21 5.14 -7.82
N ILE B 200 3.32 5.00 -8.78
CA ILE B 200 1.93 4.61 -8.52
C ILE B 200 1.89 3.23 -7.85
N ALA B 201 2.68 2.29 -8.37
CA ALA B 201 2.77 0.95 -7.79
C ALA B 201 3.14 0.99 -6.32
N TYR B 202 3.97 1.95 -5.92
CA TYR B 202 4.29 2.12 -4.51
C TYR B 202 3.33 3.05 -3.77
N GLY B 203 2.23 3.44 -4.42
CA GLY B 203 1.25 4.31 -3.80
C GLY B 203 1.78 5.66 -3.37
N LEU B 204 2.84 6.13 -4.03
CA LEU B 204 3.42 7.44 -3.71
C LEU B 204 2.50 8.60 -4.17
N ASP B 205 1.52 8.30 -5.02
CA ASP B 205 0.48 9.24 -5.42
C ASP B 205 -0.53 9.55 -4.30
N LYS B 206 -0.68 8.60 -3.36
CA LYS B 206 -1.66 8.69 -2.26
C LYS B 206 -1.04 9.34 -1.04
N ARG B 207 -0.35 10.46 -1.25
CA ARG B 207 0.39 11.10 -0.17
C ARG B 207 0.19 12.60 -0.09
N GLU B 208 0.50 13.13 1.08
CA GLU B 208 0.26 14.52 1.41
C GLU B 208 1.48 15.37 1.08
N GLY B 209 1.23 16.59 0.61
CA GLY B 209 2.29 17.55 0.37
C GLY B 209 2.98 17.35 -0.96
N GLU B 210 3.93 18.21 -1.26
CA GLU B 210 4.70 18.11 -2.46
C GLU B 210 5.97 17.34 -2.17
N LYS B 211 6.26 16.33 -2.98
CA LYS B 211 7.42 15.47 -2.76
C LYS B 211 8.27 15.34 -4.02
N ASN B 212 9.56 15.19 -3.80
CA ASN B 212 10.53 14.91 -4.87
C ASN B 212 10.85 13.42 -4.91
N ILE B 213 10.66 12.83 -6.09
CA ILE B 213 10.89 11.43 -6.29
C ILE B 213 11.96 11.21 -7.35
N LEU B 214 13.01 10.45 -6.99
CA LEU B 214 14.02 10.04 -7.91
C LEU B 214 13.81 8.56 -8.30
N VAL B 215 13.59 8.31 -9.58
CA VAL B 215 13.40 6.94 -10.09
C VAL B 215 14.68 6.51 -10.83
N PHE B 216 15.22 5.38 -10.40
CA PHE B 216 16.51 4.85 -10.85
C PHE B 216 16.19 3.54 -11.54
N ASP B 217 16.22 3.57 -12.87
CA ASP B 217 15.74 2.48 -13.72
C ASP B 217 16.87 1.88 -14.56
N LEU B 218 17.41 0.77 -14.10
CA LEU B 218 18.53 0.11 -14.77
C LEU B 218 18.04 -1.19 -15.37
N GLY B 219 17.87 -1.20 -16.68
CA GLY B 219 17.26 -2.32 -17.42
C GLY B 219 18.27 -3.19 -18.14
N GLY B 220 17.87 -3.72 -19.27
CA GLY B 220 18.71 -4.64 -20.06
C GLY B 220 19.82 -3.92 -20.79
N GLY B 221 19.44 -3.06 -21.74
CA GLY B 221 20.43 -2.27 -22.49
C GLY B 221 20.40 -0.78 -22.19
N THR B 222 19.53 -0.35 -21.28
CA THR B 222 19.23 1.08 -21.03
C THR B 222 19.28 1.46 -19.59
N PHE B 223 19.72 2.67 -19.30
CA PHE B 223 19.71 3.24 -17.95
C PHE B 223 18.98 4.58 -17.96
N ASP B 224 17.96 4.70 -17.13
CA ASP B 224 17.12 5.89 -17.09
C ASP B 224 16.98 6.41 -15.67
N VAL B 225 17.23 7.71 -15.51
CA VAL B 225 16.98 8.40 -14.26
C VAL B 225 15.92 9.46 -14.50
N SER B 226 14.87 9.47 -13.67
CA SER B 226 13.80 10.45 -13.81
C SER B 226 13.54 11.16 -12.48
N LEU B 227 13.54 12.49 -12.49
CA LEU B 227 13.09 13.25 -11.33
C LEU B 227 11.64 13.66 -11.52
N LEU B 228 10.78 13.18 -10.62
CA LEU B 228 9.36 13.52 -10.61
C LEU B 228 9.04 14.32 -9.37
N THR B 229 8.03 15.19 -9.47
CA THR B 229 7.38 15.71 -8.29
C THR B 229 5.96 15.19 -8.26
N ILE B 230 5.48 14.98 -7.05
CA ILE B 230 4.11 14.61 -6.82
C ILE B 230 3.52 15.73 -5.99
N ASP B 231 2.32 16.12 -6.35
CA ASP B 231 1.57 17.06 -5.57
C ASP B 231 0.10 16.89 -5.91
N ASN B 232 -0.72 16.70 -4.87
CA ASN B 232 -2.15 16.57 -5.03
C ASN B 232 -2.54 15.56 -6.12
N GLY B 233 -1.88 14.40 -6.07
CA GLY B 233 -2.18 13.31 -6.97
C GLY B 233 -1.64 13.47 -8.37
N VAL B 234 -0.99 14.59 -8.66
CA VAL B 234 -0.51 14.85 -10.01
C VAL B 234 1.01 14.82 -10.05
N PHE B 235 1.51 13.97 -10.95
CA PHE B 235 2.93 13.79 -11.16
C PHE B 235 3.42 14.68 -12.30
N GLU B 236 4.58 15.30 -12.08
CA GLU B 236 5.24 16.06 -13.10
C GLU B 236 6.66 15.50 -13.31
N VAL B 237 7.06 15.28 -14.56
CA VAL B 237 8.44 14.89 -14.86
C VAL B 237 9.25 16.14 -14.98
N VAL B 238 10.17 16.34 -14.05
CA VAL B 238 10.98 17.55 -14.02
C VAL B 238 12.21 17.42 -14.91
N ALA B 239 12.84 16.27 -14.85
CA ALA B 239 14.08 16.04 -15.59
C ALA B 239 14.27 14.53 -15.80
N THR B 240 14.91 14.20 -16.91
CA THR B 240 15.28 12.81 -17.20
C THR B 240 16.73 12.79 -17.65
N ASN B 241 17.39 11.67 -17.40
CA ASN B 241 18.73 11.46 -17.88
C ASN B 241 19.02 9.96 -17.91
N GLY B 242 20.31 9.58 -17.92
CA GLY B 242 20.75 8.19 -17.91
C GLY B 242 21.79 7.91 -18.98
N ASP B 243 21.79 6.69 -19.51
CA ASP B 243 22.66 6.27 -20.61
C ASP B 243 21.86 5.25 -21.44
N THR B 244 21.65 5.52 -22.73
CA THR B 244 20.82 4.65 -23.60
C THR B 244 21.46 3.29 -23.93
N HIS B 245 22.78 3.20 -23.70
CA HIS B 245 23.52 1.93 -23.91
C HIS B 245 24.34 1.56 -22.67
N LEU B 246 23.62 1.28 -21.59
CA LEU B 246 24.21 0.81 -20.37
C LEU B 246 23.15 0.09 -19.60
N GLY B 247 23.43 -1.16 -19.25
CA GLY B 247 22.50 -1.97 -18.51
C GLY B 247 23.03 -3.37 -18.30
N GLY B 248 22.13 -4.28 -17.98
CA GLY B 248 22.49 -5.64 -17.60
C GLY B 248 23.26 -6.41 -18.68
N GLU B 249 22.97 -6.11 -19.93
CA GLU B 249 23.67 -6.68 -21.08
C GLU B 249 25.17 -6.37 -21.01
N ASP B 250 25.52 -5.18 -20.53
CA ASP B 250 26.96 -4.85 -20.39
C ASP B 250 27.62 -5.65 -19.28
N PHE B 251 26.85 -5.93 -18.21
CA PHE B 251 27.36 -6.79 -17.14
C PHE B 251 27.55 -8.24 -17.59
N ASP B 252 26.64 -8.75 -18.41
CA ASP B 252 26.79 -10.07 -19.04
C ASP B 252 28.09 -10.13 -19.83
N GLN B 253 28.29 -9.14 -20.69
CA GLN B 253 29.48 -9.11 -21.52
C GLN B 253 30.79 -9.10 -20.74
N ARG B 254 30.83 -8.37 -19.61
CA ARG B 254 32.01 -8.41 -18.75
C ARG B 254 32.26 -9.84 -18.24
N VAL B 255 31.19 -10.56 -17.93
CA VAL B 255 31.33 -11.96 -17.50
C VAL B 255 31.76 -12.88 -18.66
N MET B 256 31.19 -12.65 -19.85
CA MET B 256 31.59 -13.37 -21.04
C MET B 256 33.10 -13.26 -21.18
N GLU B 257 33.61 -12.04 -21.22
CA GLU B 257 35.07 -11.79 -21.39
C GLU B 257 35.90 -12.57 -20.35
N HIS B 258 35.44 -12.57 -19.12
CA HIS B 258 36.12 -13.27 -18.05
C HIS B 258 36.23 -14.76 -18.32
N PHE B 259 35.13 -15.41 -18.65
CA PHE B 259 35.16 -16.86 -18.88
C PHE B 259 35.84 -17.25 -20.16
N ILE B 260 35.70 -16.42 -21.19
CA ILE B 260 36.38 -16.65 -22.45
C ILE B 260 37.92 -16.61 -22.25
N LYS B 261 38.43 -15.61 -21.53
CA LYS B 261 39.88 -15.55 -21.24
C LYS B 261 40.33 -16.73 -20.39
N LEU B 262 39.53 -17.10 -19.41
CA LEU B 262 39.84 -18.26 -18.58
C LEU B 262 39.94 -19.56 -19.39
N TYR B 263 38.94 -19.80 -20.24
CA TYR B 263 38.91 -21.01 -21.08
C TYR B 263 40.14 -21.07 -21.95
N LYS B 264 40.49 -19.92 -22.53
CA LYS B 264 41.68 -19.82 -23.38
C LYS B 264 42.94 -20.10 -22.58
N LYS B 265 43.00 -19.63 -21.35
CA LYS B 265 44.15 -19.92 -20.50
C LYS B 265 44.22 -21.42 -20.19
N LYS B 266 43.08 -22.03 -19.86
CA LYS B 266 43.04 -23.47 -19.50
C LYS B 266 43.23 -24.42 -20.68
N THR B 267 42.74 -24.06 -21.86
CA THR B 267 42.74 -24.98 -22.99
C THR B 267 43.52 -24.50 -24.22
N GLY B 268 43.90 -23.22 -24.26
CA GLY B 268 44.55 -22.65 -25.45
C GLY B 268 43.56 -22.32 -26.58
N LYS B 269 42.28 -22.60 -26.37
CA LYS B 269 41.26 -22.43 -27.40
C LYS B 269 40.50 -21.11 -27.19
N ASP B 270 40.32 -20.36 -28.28
CA ASP B 270 39.50 -19.14 -28.28
C ASP B 270 38.10 -19.45 -28.79
N VAL B 271 37.15 -19.51 -27.87
CA VAL B 271 35.78 -19.92 -28.19
C VAL B 271 35.02 -18.99 -29.15
N ARG B 272 35.47 -17.74 -29.29
CA ARG B 272 34.72 -16.80 -30.14
C ARG B 272 34.70 -17.21 -31.60
N LYS B 273 35.60 -18.12 -31.99
CA LYS B 273 35.55 -18.70 -33.34
C LYS B 273 34.23 -19.40 -33.62
N ASP B 274 33.54 -19.85 -32.56
CA ASP B 274 32.26 -20.52 -32.68
C ASP B 274 31.16 -19.71 -32.01
N ASN B 275 30.28 -19.12 -32.82
CA ASN B 275 29.17 -18.29 -32.31
C ASN B 275 28.12 -19.08 -31.52
N ARG B 276 27.89 -20.34 -31.89
CA ARG B 276 26.98 -21.18 -31.11
C ARG B 276 27.50 -21.29 -29.71
N ALA B 277 28.82 -21.47 -29.58
CA ALA B 277 29.46 -21.56 -28.27
C ALA B 277 29.25 -20.27 -27.50
N VAL B 278 29.49 -19.15 -28.14
CA VAL B 278 29.32 -17.85 -27.50
C VAL B 278 27.86 -17.64 -27.08
N GLN B 279 26.93 -18.02 -27.96
CA GLN B 279 25.49 -17.95 -27.66
C GLN B 279 25.12 -18.80 -26.43
N LYS B 280 25.67 -20.02 -26.36
CA LYS B 280 25.43 -20.91 -25.22
C LYS B 280 25.95 -20.31 -23.91
N LEU B 281 27.18 -19.79 -23.94
CA LEU B 281 27.78 -19.17 -22.75
C LEU B 281 27.01 -17.90 -22.35
N ARG B 282 26.58 -17.10 -23.31
CA ARG B 282 25.80 -15.92 -22.98
C ARG B 282 24.52 -16.30 -22.22
N ARG B 283 23.84 -17.35 -22.68
CA ARG B 283 22.61 -17.78 -22.01
C ARG B 283 22.90 -18.27 -20.58
N GLU B 284 23.95 -19.05 -20.40
CA GLU B 284 24.28 -19.53 -19.07
C GLU B 284 24.77 -18.40 -18.19
N VAL B 285 25.51 -17.45 -18.76
CA VAL B 285 25.99 -16.32 -17.99
C VAL B 285 24.84 -15.42 -17.49
N GLU B 286 23.86 -15.15 -18.36
CA GLU B 286 22.70 -14.33 -17.99
C GLU B 286 21.96 -14.97 -16.79
N LYS B 287 21.76 -16.27 -16.88
CA LYS B 287 21.13 -17.03 -15.83
C LYS B 287 21.96 -16.99 -14.51
N ALA B 288 23.24 -17.27 -14.59
CA ALA B 288 24.11 -17.22 -13.41
C ALA B 288 24.04 -15.86 -12.73
N LYS B 289 24.08 -14.79 -13.52
CA LYS B 289 23.93 -13.42 -13.01
C LYS B 289 22.64 -13.25 -12.17
N ARG B 290 21.51 -13.69 -12.70
CA ARG B 290 20.24 -13.64 -11.96
C ARG B 290 20.29 -14.39 -10.62
N ALA B 291 20.88 -15.59 -10.63
CA ALA B 291 20.97 -16.40 -9.44
C ALA B 291 21.85 -15.69 -8.43
N LEU B 292 22.86 -14.97 -8.91
CA LEU B 292 23.76 -14.24 -8.00
C LEU B 292 23.11 -12.99 -7.33
N SER B 293 21.88 -12.68 -7.71
CA SER B 293 21.13 -11.65 -7.00
C SER B 293 20.49 -12.19 -5.71
N SER B 294 20.44 -13.50 -5.56
CA SER B 294 19.87 -14.10 -4.38
C SER B 294 20.75 -15.16 -3.74
N GLN B 295 21.89 -15.48 -4.35
CA GLN B 295 22.85 -16.39 -3.72
C GLN B 295 24.27 -15.94 -4.03
N HIS B 296 25.26 -16.54 -3.35
CA HIS B 296 26.64 -16.02 -3.40
C HIS B 296 27.53 -16.71 -4.44
N GLN B 297 27.10 -17.87 -4.94
CA GLN B 297 27.84 -18.58 -6.00
C GLN B 297 26.89 -19.25 -6.99
N ALA B 298 27.35 -19.38 -8.23
CA ALA B 298 26.57 -20.09 -9.24
C ALA B 298 27.49 -20.85 -10.20
N ARG B 299 27.02 -21.98 -10.67
CA ARG B 299 27.77 -22.80 -11.57
C ARG B 299 27.31 -22.55 -13.00
N ILE B 300 28.27 -22.50 -13.90
CA ILE B 300 27.98 -22.44 -15.33
C ILE B 300 28.45 -23.75 -15.96
N GLU B 301 27.51 -24.49 -16.55
CA GLU B 301 27.82 -25.75 -17.18
C GLU B 301 27.23 -25.91 -18.54
N ILE B 302 28.08 -26.33 -19.48
CA ILE B 302 27.71 -26.50 -20.86
C ILE B 302 28.43 -27.72 -21.40
N GLU B 303 27.67 -28.70 -21.86
CA GLU B 303 28.27 -29.84 -22.52
C GLU B 303 28.36 -29.54 -24.01
N SER B 304 29.36 -30.12 -24.65
CA SER B 304 29.62 -29.88 -26.07
C SER B 304 29.70 -28.39 -26.27
N PHE B 305 30.53 -27.76 -25.44
CA PHE B 305 30.67 -26.31 -25.46
C PHE B 305 31.44 -25.92 -26.69
N TYR B 306 32.61 -26.54 -26.87
CA TYR B 306 33.52 -26.16 -27.92
C TYR B 306 34.35 -27.35 -28.29
N GLU B 307 34.30 -27.70 -29.57
CA GLU B 307 35.03 -28.85 -30.11
C GLU B 307 34.84 -30.09 -29.26
N GLY B 308 33.59 -30.37 -28.91
CA GLY B 308 33.26 -31.58 -28.15
C GLY B 308 33.42 -31.46 -26.65
N GLU B 309 34.30 -30.57 -26.18
CA GLU B 309 34.64 -30.44 -24.76
C GLU B 309 33.57 -29.68 -23.94
N ASP B 310 33.45 -30.04 -22.67
CA ASP B 310 32.45 -29.44 -21.79
C ASP B 310 33.00 -28.26 -21.03
N PHE B 311 32.10 -27.43 -20.53
CA PHE B 311 32.45 -26.25 -19.79
C PHE B 311 31.88 -26.36 -18.40
N SER B 312 32.72 -26.12 -17.39
CA SER B 312 32.28 -26.13 -15.98
C SER B 312 33.07 -25.11 -15.24
N GLU B 313 32.41 -24.04 -14.84
CA GLU B 313 33.01 -23.03 -14.00
C GLU B 313 31.98 -22.49 -13.03
N THR B 314 32.47 -21.88 -11.97
CA THR B 314 31.63 -21.23 -11.01
C THR B 314 31.93 -19.75 -11.04
N LEU B 315 30.96 -18.96 -10.60
CA LEU B 315 31.11 -17.51 -10.51
C LEU B 315 30.64 -17.10 -9.15
N THR B 316 31.51 -16.45 -8.39
CA THR B 316 31.12 -15.90 -7.10
C THR B 316 30.47 -14.53 -7.30
N ARG B 317 29.63 -14.14 -6.34
CA ARG B 317 29.05 -12.82 -6.34
C ARG B 317 30.13 -11.77 -6.33
N ALA B 318 31.13 -11.96 -5.46
CA ALA B 318 32.24 -11.01 -5.36
C ALA B 318 32.93 -10.83 -6.70
N LYS B 319 33.16 -11.92 -7.42
CA LYS B 319 33.79 -11.85 -8.74
C LYS B 319 32.88 -11.12 -9.75
N PHE B 320 31.58 -11.40 -9.71
CA PHE B 320 30.62 -10.67 -10.55
C PHE B 320 30.64 -9.16 -10.29
N GLU B 321 30.74 -8.78 -9.02
CA GLU B 321 30.84 -7.35 -8.64
C GLU B 321 32.17 -6.75 -9.05
N GLU B 322 33.24 -7.49 -8.83
CA GLU B 322 34.57 -6.99 -9.18
C GLU B 322 34.66 -6.71 -10.67
N LEU B 323 34.13 -7.62 -11.48
CA LEU B 323 34.16 -7.44 -12.93
C LEU B 323 33.38 -6.20 -13.38
N ASN B 324 32.34 -5.83 -12.65
CA ASN B 324 31.41 -4.77 -13.11
C ASN B 324 31.38 -3.49 -12.29
N MET B 325 32.30 -3.38 -11.33
CA MET B 325 32.25 -2.32 -10.34
C MET B 325 32.27 -0.95 -10.98
N ASP B 326 33.21 -0.74 -11.90
CA ASP B 326 33.32 0.52 -12.63
C ASP B 326 32.01 0.86 -13.33
N LEU B 327 31.36 -0.11 -13.96
CA LEU B 327 30.08 0.16 -14.60
C LEU B 327 28.99 0.48 -13.53
N PHE B 328 29.02 -0.21 -12.39
CA PHE B 328 28.04 0.07 -11.34
C PHE B 328 28.17 1.53 -10.85
N ARG B 329 29.39 1.98 -10.57
CA ARG B 329 29.62 3.34 -10.10
C ARG B 329 29.24 4.42 -11.14
N SER B 330 29.44 4.10 -12.42
CA SER B 330 29.13 5.05 -13.51
C SER B 330 27.64 5.45 -13.55
N THR B 331 26.75 4.62 -12.99
CA THR B 331 25.34 4.97 -12.96
C THR B 331 25.04 6.20 -12.05
N MET B 332 25.95 6.55 -11.15
CA MET B 332 25.72 7.68 -10.25
C MET B 332 25.83 9.02 -10.97
N LYS B 333 26.58 9.06 -12.07
CA LYS B 333 26.85 10.33 -12.72
C LYS B 333 25.59 10.97 -13.37
N PRO B 334 24.78 10.18 -14.11
CA PRO B 334 23.52 10.75 -14.59
C PRO B 334 22.54 11.18 -13.47
N VAL B 335 22.63 10.55 -12.30
CA VAL B 335 21.79 10.94 -11.15
C VAL B 335 22.17 12.35 -10.65
N GLN B 336 23.48 12.56 -10.44
CA GLN B 336 24.01 13.84 -10.02
C GLN B 336 23.60 14.91 -11.02
N LYS B 337 23.70 14.57 -12.31
CA LYS B 337 23.30 15.48 -13.38
C LYS B 337 21.80 15.86 -13.31
N VAL B 338 20.92 14.90 -13.06
CA VAL B 338 19.49 15.19 -12.91
C VAL B 338 19.22 16.16 -11.74
N LEU B 339 19.93 15.91 -10.64
CA LEU B 339 19.82 16.76 -9.47
C LEU B 339 20.23 18.20 -9.78
N GLU B 340 21.40 18.37 -10.39
CA GLU B 340 21.88 19.69 -10.79
C GLU B 340 20.90 20.40 -11.73
N ASP B 341 20.41 19.68 -12.75
CA ASP B 341 19.44 20.26 -13.69
C ASP B 341 18.13 20.66 -13.02
N SER B 342 17.73 19.91 -11.99
CA SER B 342 16.52 20.18 -11.26
C SER B 342 16.73 21.18 -10.10
N ASP B 343 17.97 21.66 -9.94
CA ASP B 343 18.36 22.60 -8.88
C ASP B 343 18.05 22.00 -7.48
N LEU B 344 18.36 20.71 -7.35
CA LEU B 344 18.16 19.97 -6.12
C LEU B 344 19.45 19.38 -5.61
N LYS B 345 19.48 19.16 -4.31
CA LYS B 345 20.55 18.43 -3.66
C LYS B 345 20.01 17.06 -3.20
N LYS B 346 20.91 16.18 -2.77
CA LYS B 346 20.53 14.82 -2.38
C LYS B 346 19.44 14.78 -1.30
N SER B 347 19.55 15.65 -0.31
CA SER B 347 18.60 15.68 0.80
C SER B 347 17.22 16.22 0.40
N ASP B 348 17.10 16.76 -0.82
CA ASP B 348 15.81 17.21 -1.32
C ASP B 348 14.95 16.06 -1.82
N ILE B 349 15.56 14.89 -2.03
CA ILE B 349 14.83 13.72 -2.53
C ILE B 349 14.11 13.03 -1.39
N ASP B 350 12.78 12.90 -1.55
CA ASP B 350 11.93 12.37 -0.49
C ASP B 350 11.65 10.89 -0.69
N GLU B 351 11.63 10.45 -1.95
CA GLU B 351 11.40 9.05 -2.28
C GLU B 351 12.37 8.61 -3.36
N ILE B 352 12.92 7.41 -3.20
CA ILE B 352 13.82 6.80 -4.16
C ILE B 352 13.16 5.52 -4.58
N VAL B 353 12.87 5.39 -5.87
CA VAL B 353 12.24 4.18 -6.40
C VAL B 353 13.22 3.44 -7.34
N LEU B 354 13.48 2.14 -7.05
CA LEU B 354 14.30 1.29 -7.92
C LEU B 354 13.43 0.60 -8.95
N VAL B 355 13.83 0.72 -10.23
CA VAL B 355 13.10 0.10 -11.34
C VAL B 355 14.10 -0.67 -12.21
N GLY B 356 13.62 -1.72 -12.84
CA GLY B 356 14.42 -2.50 -13.79
C GLY B 356 15.08 -3.72 -13.18
N GLY B 357 15.26 -4.76 -14.00
CA GLY B 357 15.76 -6.04 -13.55
C GLY B 357 17.16 -5.99 -12.94
N SER B 358 18.01 -5.09 -13.43
CA SER B 358 19.36 -4.97 -12.88
C SER B 358 19.42 -4.33 -11.49
N THR B 359 18.36 -3.66 -11.05
CA THR B 359 18.32 -3.15 -9.67
C THR B 359 18.07 -4.25 -8.65
N ARG B 360 17.81 -5.49 -9.12
CA ARG B 360 17.84 -6.65 -8.21
C ARG B 360 19.24 -7.03 -7.76
N ILE B 361 20.26 -6.48 -8.41
CA ILE B 361 21.63 -6.74 -8.05
C ILE B 361 21.88 -6.07 -6.68
N PRO B 362 22.21 -6.87 -5.66
CA PRO B 362 22.45 -6.27 -4.31
C PRO B 362 23.46 -5.13 -4.29
N LYS B 363 24.52 -5.23 -5.10
CA LYS B 363 25.50 -4.14 -5.14
C LYS B 363 24.87 -2.83 -5.68
N ILE B 364 23.99 -2.96 -6.67
CA ILE B 364 23.30 -1.80 -7.22
C ILE B 364 22.48 -1.13 -6.14
N GLN B 365 21.70 -1.92 -5.42
CA GLN B 365 20.92 -1.38 -4.30
C GLN B 365 21.84 -0.68 -3.32
N GLN B 366 22.90 -1.34 -2.91
CA GLN B 366 23.82 -0.73 -1.95
C GLN B 366 24.36 0.63 -2.45
N LEU B 367 24.84 0.68 -3.69
CA LEU B 367 25.43 1.93 -4.21
C LEU B 367 24.44 3.08 -4.36
N VAL B 368 23.18 2.76 -4.67
CA VAL B 368 22.11 3.77 -4.70
C VAL B 368 21.86 4.30 -3.29
N LYS B 369 21.74 3.40 -2.33
CA LYS B 369 21.55 3.77 -0.94
C LYS B 369 22.72 4.65 -0.43
N GLU B 370 23.95 4.29 -0.80
CA GLU B 370 25.11 5.07 -0.38
C GLU B 370 25.19 6.43 -1.05
N PHE B 371 24.77 6.52 -2.31
CA PHE B 371 24.69 7.82 -2.99
C PHE B 371 23.76 8.77 -2.24
N PHE B 372 22.64 8.23 -1.73
CA PHE B 372 21.69 9.01 -0.93
C PHE B 372 21.90 8.92 0.58
N ASN B 373 23.16 8.79 0.99
CA ASN B 373 23.55 8.83 2.40
C ASN B 373 22.72 7.95 3.38
N GLY B 374 22.49 6.71 2.97
CA GLY B 374 21.85 5.71 3.83
C GLY B 374 20.35 5.62 3.68
N LYS B 375 19.78 6.45 2.81
CA LYS B 375 18.33 6.50 2.68
C LYS B 375 17.82 5.29 1.91
N GLU B 376 16.82 4.65 2.49
CA GLU B 376 16.27 3.42 1.94
C GLU B 376 15.31 3.71 0.79
N PRO B 377 15.45 2.99 -0.30
CA PRO B 377 14.45 3.11 -1.35
C PRO B 377 13.17 2.40 -0.99
N SER B 378 12.12 2.68 -1.74
CA SER B 378 10.91 1.89 -1.65
C SER B 378 11.23 0.40 -1.84
N ARG B 379 10.50 -0.46 -1.15
CA ARG B 379 10.75 -1.91 -1.15
C ARG B 379 9.44 -2.65 -1.23
N GLY B 380 9.44 -3.84 -1.83
CA GLY B 380 8.28 -4.72 -1.74
C GLY B 380 7.66 -5.11 -3.05
N ILE B 381 8.02 -4.42 -4.11
CA ILE B 381 7.59 -4.80 -5.44
C ILE B 381 8.85 -5.12 -6.27
N ASN B 382 8.82 -6.23 -6.99
CA ASN B 382 9.93 -6.58 -7.86
C ASN B 382 10.15 -5.47 -8.91
N PRO B 383 11.39 -4.94 -8.99
CA PRO B 383 11.62 -3.74 -9.80
C PRO B 383 11.35 -3.95 -11.28
N ASP B 384 11.55 -5.16 -11.77
CA ASP B 384 11.24 -5.42 -13.15
C ASP B 384 9.72 -5.61 -13.37
N GLU B 385 8.95 -5.61 -12.27
CA GLU B 385 7.51 -5.71 -12.33
C GLU B 385 6.77 -4.40 -11.96
N ALA B 386 7.48 -3.44 -11.33
CA ALA B 386 6.84 -2.22 -10.76
C ALA B 386 6.09 -1.40 -11.80
N VAL B 387 6.68 -1.28 -12.98
CA VAL B 387 6.07 -0.50 -14.02
C VAL B 387 4.71 -1.09 -14.42
N ALA B 388 4.70 -2.37 -14.74
CA ALA B 388 3.46 -3.06 -15.12
C ALA B 388 2.48 -3.06 -13.94
N TYR B 389 3.03 -3.11 -12.72
CA TYR B 389 2.21 -3.08 -11.50
C TYR B 389 1.38 -1.80 -11.47
N GLY B 390 2.06 -0.68 -11.65
CA GLY B 390 1.41 0.63 -11.71
C GLY B 390 0.40 0.76 -12.82
N ALA B 391 0.77 0.28 -14.00
CA ALA B 391 -0.16 0.25 -15.14
C ALA B 391 -1.42 -0.52 -14.76
N ALA B 392 -1.22 -1.64 -14.05
CA ALA B 392 -2.30 -2.52 -13.61
C ALA B 392 -3.22 -1.84 -12.60
N VAL B 393 -2.61 -1.11 -11.67
CA VAL B 393 -3.38 -0.24 -10.75
C VAL B 393 -4.36 0.66 -11.51
N GLN B 394 -3.86 1.40 -12.51
CA GLN B 394 -4.73 2.29 -13.25
C GLN B 394 -5.74 1.51 -14.06
N ALA B 395 -5.32 0.38 -14.61
CA ALA B 395 -6.20 -0.48 -15.38
C ALA B 395 -7.36 -0.95 -14.51
N GLY B 396 -7.06 -1.20 -13.23
CA GLY B 396 -8.09 -1.58 -12.28
C GLY B 396 -9.19 -0.53 -12.24
N VAL B 397 -8.80 0.71 -11.97
CA VAL B 397 -9.76 1.83 -11.88
C VAL B 397 -10.59 1.87 -13.16
N LEU B 398 -9.91 1.83 -14.30
CA LEU B 398 -10.63 1.91 -15.60
C LEU B 398 -11.55 0.71 -15.86
N SER B 399 -11.21 -0.44 -15.30
CA SER B 399 -12.06 -1.62 -15.41
C SER B 399 -13.25 -1.47 -14.45
#